data_4XGK
#
_entry.id   4XGK
#
_cell.length_a   179.362
_cell.length_b   179.362
_cell.length_c   145.236
_cell.angle_alpha   90.000
_cell.angle_beta   90.000
_cell.angle_gamma   120.000
#
_symmetry.space_group_name_H-M   'P 64 2 2'
#
loop_
_entity.id
_entity.type
_entity.pdbx_description
1 polymer 'UDP-galactopyranose mutase'
2 non-polymer 'SULFATE ION'
3 non-polymer '[(7S)-6-(4-chlorophenyl)-3-(thiophen-2-yl)-7H-[1,2,4]triazolo[3,4-b][1,3,4]thiadiazin-7-yl]acetic acid'
4 non-polymer 'DIHYDROFLAVINE-ADENINE DINUCLEOTIDE'
5 water water
#
_entity_poly.entity_id   1
_entity_poly.type   'polypeptide(L)'
_entity_poly.pdbx_seq_one_letter_code
;GMSDFDLIVVGSGLFGLTVAERAASQLGKKVLIVEKRSHLGGNAYSEAEPETGIEIHKYGAHLFHTSNKRVWDYVNQFTA
FTGYQHRVFAMHNGTAYQFPMGLGLINQFFGRYYTPDEARELIKEQSAEIDSKDATNLEEKAISLIGRPLYEAFIRDYTA
KQWQTDPKELPAGNITRLPVRYNFDNRYFNDTYEGLPVDGYAQWLSNMADHENIEVRLDTDWFEVREDLRAQNPEAPVVY
TGPLDRYFDYSEGHLGWRTLDFETEVLNTGDFQGTPVMNYNDAEFPYTRIHEFRHFHPEREDRHPKDKTVIMKEYSRFAE
EGDEPYYPINTPSDREMLFKYRELADAETESGKVYFGGRLGTYQYLDMHMAIASALSMFDNKLVDALK
;
_entity_poly.pdbx_strand_id   A,B
#
loop_
_chem_comp.id
_chem_comp.type
_chem_comp.name
_chem_comp.formula
40K non-polymer '[(7S)-6-(4-chlorophenyl)-3-(thiophen-2-yl)-7H-[1,2,4]triazolo[3,4-b][1,3,4]thiadiazin-7-yl]acetic acid' 'C16 H11 Cl N4 O2 S2'
FDA non-polymer 'DIHYDROFLAVINE-ADENINE DINUCLEOTIDE' 'C27 H35 N9 O15 P2'
SO4 non-polymer 'SULFATE ION' 'O4 S -2'
#
# COMPACT_ATOMS: atom_id res chain seq x y z
N SER A 3 -28.33 24.43 -37.04
CA SER A 3 -27.38 24.55 -35.92
C SER A 3 -26.77 23.21 -35.47
N ASP A 4 -25.45 23.20 -35.34
CA ASP A 4 -24.65 21.97 -35.17
C ASP A 4 -24.48 21.43 -33.75
N PHE A 5 -24.32 22.31 -32.77
CA PHE A 5 -24.03 21.89 -31.42
C PHE A 5 -24.85 22.63 -30.36
N ASP A 6 -25.22 21.92 -29.31
CA ASP A 6 -25.93 22.54 -28.21
C ASP A 6 -24.96 23.13 -27.19
N LEU A 7 -23.74 22.58 -27.16
CA LEU A 7 -22.70 22.98 -26.20
C LEU A 7 -21.32 23.04 -26.85
N ILE A 8 -20.52 24.02 -26.46
CA ILE A 8 -19.15 24.10 -26.96
C ILE A 8 -18.16 24.11 -25.79
N VAL A 9 -17.27 23.12 -25.81
CA VAL A 9 -16.26 23.02 -24.77
C VAL A 9 -14.88 23.32 -25.36
N VAL A 10 -14.23 24.32 -24.77
CA VAL A 10 -12.92 24.71 -25.19
C VAL A 10 -11.92 24.13 -24.22
N GLY A 11 -11.08 23.24 -24.71
CA GLY A 11 -10.10 22.57 -23.86
C GLY A 11 -10.48 21.14 -23.51
N SER A 12 -9.49 20.26 -23.65
CA SER A 12 -9.72 18.85 -23.62
C SER A 12 -9.24 18.21 -22.30
N GLY A 13 -8.90 19.02 -21.31
CA GLY A 13 -8.49 18.52 -20.01
C GLY A 13 -9.59 17.75 -19.28
N LEU A 14 -9.29 17.27 -18.07
CA LEU A 14 -10.28 16.51 -17.30
C LEU A 14 -11.52 17.35 -17.06
N PHE A 15 -11.36 18.65 -16.84
CA PHE A 15 -12.52 19.50 -16.60
C PHE A 15 -13.40 19.54 -17.84
N GLY A 16 -12.81 19.98 -18.95
CA GLY A 16 -13.53 20.03 -20.21
C GLY A 16 -14.23 18.73 -20.54
N LEU A 17 -13.48 17.62 -20.47
CA LEU A 17 -13.96 16.29 -20.86
C LEU A 17 -15.18 15.85 -20.07
N THR A 18 -15.09 16.01 -18.76
CA THR A 18 -16.15 15.70 -17.82
C THR A 18 -17.43 16.48 -18.15
N VAL A 19 -17.27 17.78 -18.39
CA VAL A 19 -18.40 18.59 -18.73
C VAL A 19 -19.01 18.12 -20.07
N ALA A 20 -18.18 17.90 -21.07
CA ALA A 20 -18.67 17.48 -22.37
C ALA A 20 -19.33 16.11 -22.26
N GLU A 21 -18.75 15.22 -21.46
CA GLU A 21 -19.24 13.84 -21.41
C GLU A 21 -20.60 13.78 -20.69
N ARG A 22 -20.76 14.59 -19.66
CA ARG A 22 -22.02 14.59 -18.92
C ARG A 22 -23.16 15.10 -19.82
N ALA A 23 -22.99 16.27 -20.42
CA ALA A 23 -23.96 16.82 -21.39
C ALA A 23 -24.36 15.81 -22.45
N ALA A 24 -23.38 15.09 -22.97
CA ALA A 24 -23.60 14.17 -24.06
C ALA A 24 -24.41 12.95 -23.66
N SER A 25 -24.16 12.42 -22.47
CA SER A 25 -24.73 11.14 -22.07
C SER A 25 -25.90 11.31 -21.11
N GLN A 26 -25.88 12.39 -20.33
CA GLN A 26 -26.96 12.67 -19.40
C GLN A 26 -28.09 13.48 -20.05
N LEU A 27 -27.74 14.54 -20.78
CA LEU A 27 -28.74 15.43 -21.37
C LEU A 27 -29.00 15.12 -22.84
N GLY A 28 -28.33 14.12 -23.39
CA GLY A 28 -28.42 13.85 -24.82
C GLY A 28 -28.09 15.00 -25.77
N LYS A 29 -27.53 16.10 -25.26
CA LYS A 29 -27.15 17.22 -26.12
C LYS A 29 -25.92 16.90 -26.98
N LYS A 30 -25.60 17.79 -27.92
CA LYS A 30 -24.46 17.57 -28.80
C LYS A 30 -23.35 18.54 -28.47
N VAL A 31 -22.15 17.99 -28.37
CA VAL A 31 -21.02 18.73 -27.84
C VAL A 31 -19.87 18.76 -28.83
N LEU A 32 -19.34 19.96 -29.03
CA LEU A 32 -18.08 20.12 -29.74
C LEU A 32 -16.96 20.38 -28.72
N ILE A 33 -15.88 19.60 -28.79
CA ILE A 33 -14.71 19.93 -28.00
C ILE A 33 -13.58 20.50 -28.85
N VAL A 34 -13.22 21.75 -28.58
CA VAL A 34 -12.20 22.44 -29.35
C VAL A 34 -10.93 22.37 -28.53
N GLU A 35 -9.98 21.55 -28.96
CA GLU A 35 -8.69 21.41 -28.27
C GLU A 35 -7.53 21.90 -29.14
N LYS A 36 -6.67 22.74 -28.56
CA LYS A 36 -5.57 23.35 -29.30
C LYS A 36 -4.38 22.41 -29.57
N ARG A 37 -4.16 21.44 -28.70
CA ARG A 37 -3.07 20.48 -28.88
C ARG A 37 -3.45 19.38 -29.88
N SER A 38 -2.53 18.48 -30.17
CA SER A 38 -2.78 17.41 -31.12
C SER A 38 -3.40 16.17 -30.47
N HIS A 39 -3.68 16.25 -29.17
CA HIS A 39 -4.17 15.10 -28.41
C HIS A 39 -5.18 15.56 -27.35
N LEU A 40 -6.03 14.64 -26.90
CA LEU A 40 -6.94 14.89 -25.77
C LEU A 40 -6.25 14.87 -24.41
N GLY A 41 -6.91 15.45 -23.41
CA GLY A 41 -6.61 15.08 -22.04
C GLY A 41 -5.77 16.09 -21.31
N GLY A 42 -5.32 17.11 -22.03
CA GLY A 42 -4.49 18.14 -21.44
C GLY A 42 -3.16 17.59 -20.96
N ASN A 43 -2.80 17.99 -19.74
CA ASN A 43 -1.52 17.59 -19.17
C ASN A 43 -1.49 16.18 -18.62
N ALA A 44 -2.66 15.55 -18.52
CA ALA A 44 -2.75 14.19 -18.01
C ALA A 44 -2.38 13.16 -19.07
N TYR A 45 -2.34 13.61 -20.31
CA TYR A 45 -2.00 12.77 -21.44
C TYR A 45 -0.61 12.09 -21.32
N SER A 46 -0.60 10.79 -21.58
CA SER A 46 0.60 9.99 -21.52
C SER A 46 0.75 9.27 -22.84
N GLU A 47 1.95 8.74 -23.08
CA GLU A 47 2.23 7.96 -24.27
C GLU A 47 3.48 7.10 -24.12
N ALA A 48 3.58 6.08 -24.93
CA ALA A 48 4.73 5.16 -24.89
C ALA A 48 6.01 5.83 -25.35
N GLU A 49 7.05 5.72 -24.54
CA GLU A 49 8.36 6.16 -24.97
C GLU A 49 8.75 5.19 -26.08
N PRO A 50 9.10 5.74 -27.26
CA PRO A 50 9.34 4.90 -28.44
C PRO A 50 10.31 3.74 -28.21
N GLU A 51 11.44 3.98 -27.57
CA GLU A 51 12.49 2.97 -27.55
C GLU A 51 12.25 1.85 -26.52
N THR A 52 11.64 2.18 -25.40
CA THR A 52 11.42 1.17 -24.36
C THR A 52 9.99 0.67 -24.38
N GLY A 53 9.09 1.54 -24.82
CA GLY A 53 7.67 1.23 -24.79
C GLY A 53 7.01 1.60 -23.48
N ILE A 54 7.82 2.00 -22.50
CA ILE A 54 7.33 2.43 -21.19
C ILE A 54 6.43 3.68 -21.31
N GLU A 55 5.31 3.68 -20.59
CA GLU A 55 4.40 4.83 -20.53
C GLU A 55 5.03 6.00 -19.79
N ILE A 56 5.01 7.16 -20.41
CA ILE A 56 5.64 8.34 -19.81
C ILE A 56 4.68 9.53 -19.87
N HIS A 57 4.98 10.56 -19.08
CA HIS A 57 4.23 11.81 -19.19
C HIS A 57 5.10 12.94 -19.68
N LYS A 58 4.67 13.61 -20.74
CA LYS A 58 5.49 14.72 -21.22
C LYS A 58 5.06 16.02 -20.57
N TYR A 59 3.94 15.99 -19.88
CA TYR A 59 3.49 17.17 -19.18
C TYR A 59 3.50 16.99 -17.65
N GLY A 60 4.43 16.19 -17.13
CA GLY A 60 4.50 15.96 -15.71
C GLY A 60 3.85 14.65 -15.27
N ALA A 61 4.37 14.05 -14.22
CA ALA A 61 3.84 12.82 -13.67
C ALA A 61 2.46 13.05 -13.07
N HIS A 62 1.53 12.14 -13.33
CA HIS A 62 0.15 12.26 -12.83
C HIS A 62 -0.26 11.08 -11.96
N LEU A 63 -0.69 11.36 -10.73
CA LEU A 63 -1.12 10.32 -9.80
C LEU A 63 -2.57 10.52 -9.40
N PHE A 64 -3.45 9.59 -9.79
CA PHE A 64 -4.84 9.69 -9.38
C PHE A 64 -5.12 9.27 -7.93
N HIS A 65 -5.87 10.11 -7.23
CA HIS A 65 -6.26 9.84 -5.86
C HIS A 65 -7.47 10.69 -5.53
N THR A 66 -8.41 10.15 -4.76
CA THR A 66 -9.58 10.92 -4.31
C THR A 66 -10.26 10.26 -3.12
N SER A 67 -10.95 11.05 -2.32
CA SER A 67 -11.78 10.48 -1.26
C SER A 67 -13.28 10.66 -1.56
N ASN A 68 -13.56 11.04 -2.80
CA ASN A 68 -14.90 11.34 -3.25
C ASN A 68 -15.50 10.17 -4.01
N LYS A 69 -16.45 9.46 -3.41
CA LYS A 69 -16.94 8.24 -4.02
C LYS A 69 -17.65 8.51 -5.36
N ARG A 70 -18.34 9.64 -5.46
CA ARG A 70 -19.02 9.96 -6.71
C ARG A 70 -18.00 10.05 -7.85
N VAL A 71 -16.95 10.85 -7.62
CA VAL A 71 -15.82 10.99 -8.53
C VAL A 71 -15.18 9.63 -8.84
N TRP A 72 -14.85 8.87 -7.79
CA TRP A 72 -14.27 7.54 -7.97
C TRP A 72 -15.13 6.62 -8.83
N ASP A 73 -16.43 6.60 -8.54
CA ASP A 73 -17.38 5.80 -9.32
C ASP A 73 -17.46 6.28 -10.77
N TYR A 74 -17.56 7.60 -10.94
CA TYR A 74 -17.66 8.23 -12.25
C TYR A 74 -16.48 7.85 -13.12
N VAL A 75 -15.32 8.14 -12.58
CA VAL A 75 -14.05 7.91 -13.22
C VAL A 75 -13.85 6.44 -13.61
N ASN A 76 -14.36 5.55 -12.77
CA ASN A 76 -14.25 4.13 -13.04
C ASN A 76 -15.14 3.64 -14.17
N GLN A 77 -16.00 4.53 -14.68
CA GLN A 77 -16.79 4.24 -15.87
C GLN A 77 -15.95 4.22 -17.15
N PHE A 78 -14.76 4.84 -17.11
CA PHE A 78 -13.94 4.96 -18.31
C PHE A 78 -12.62 4.24 -18.22
N THR A 79 -12.25 3.80 -17.01
CA THR A 79 -11.03 3.02 -16.82
C THR A 79 -11.06 2.21 -15.54
N ALA A 80 -10.36 1.07 -15.55
CA ALA A 80 -9.96 0.38 -14.33
C ALA A 80 -8.68 1.01 -13.76
N PHE A 81 -8.48 0.85 -12.46
CA PHE A 81 -7.28 1.35 -11.80
C PHE A 81 -6.45 0.26 -11.14
N THR A 82 -5.13 0.39 -11.23
CA THR A 82 -4.21 -0.49 -10.54
C THR A 82 -4.29 -0.23 -9.05
N GLY A 83 -3.61 -1.05 -8.27
CA GLY A 83 -3.55 -0.86 -6.83
C GLY A 83 -2.36 -0.01 -6.40
N TYR A 84 -1.73 0.66 -7.35
CA TYR A 84 -0.63 1.56 -7.07
C TYR A 84 -0.87 2.49 -5.86
N GLN A 85 0.09 2.49 -4.94
CA GLN A 85 0.12 3.45 -3.84
C GLN A 85 1.36 4.32 -3.94
N HIS A 86 1.17 5.62 -4.08
CA HIS A 86 2.28 6.53 -4.33
C HIS A 86 3.09 6.77 -3.09
N ARG A 87 4.39 6.47 -3.17
CA ARG A 87 5.31 6.81 -2.09
C ARG A 87 6.40 7.66 -2.68
N VAL A 88 7.00 8.51 -1.86
CA VAL A 88 8.07 9.40 -2.32
C VAL A 88 9.26 9.31 -1.38
N PHE A 89 10.47 9.43 -1.92
CA PHE A 89 11.66 9.61 -1.09
C PHE A 89 12.29 10.97 -1.35
N ALA A 90 13.06 11.46 -0.39
CA ALA A 90 13.63 12.80 -0.52
C ALA A 90 15.16 12.76 -0.37
N MET A 91 15.87 13.11 -1.43
CA MET A 91 17.32 13.11 -1.37
C MET A 91 17.90 14.36 -0.69
N HIS A 92 18.62 14.17 0.40
CA HIS A 92 19.33 15.26 1.05
C HIS A 92 20.74 14.83 1.47
N ASN A 93 21.74 15.58 1.04
CA ASN A 93 23.14 15.22 1.28
C ASN A 93 23.49 13.78 1.01
N GLY A 94 23.11 13.29 -0.17
CA GLY A 94 23.40 11.93 -0.57
C GLY A 94 22.71 10.83 0.22
N THR A 95 21.74 11.20 1.06
CA THR A 95 20.86 10.21 1.68
C THR A 95 19.41 10.35 1.21
N ALA A 96 18.86 9.22 0.78
CA ALA A 96 17.44 9.08 0.45
C ALA A 96 16.64 8.94 1.73
N TYR A 97 15.82 9.95 2.04
CA TYR A 97 15.05 9.96 3.27
C TYR A 97 13.63 9.48 3.03
N GLN A 98 13.11 8.74 4.00
CA GLN A 98 11.70 8.43 4.04
C GLN A 98 10.94 9.75 4.03
N PHE A 99 9.88 9.82 3.24
CA PHE A 99 9.26 11.10 3.05
C PHE A 99 7.75 11.05 3.16
N PRO A 100 7.15 12.26 3.17
CA PRO A 100 6.54 13.12 4.17
C PRO A 100 7.33 13.02 5.47
N MET A 101 7.62 14.14 6.11
CA MET A 101 8.21 14.07 7.44
C MET A 101 7.38 13.26 8.42
N GLY A 102 8.02 12.24 8.97
CA GLY A 102 7.44 11.37 9.99
C GLY A 102 8.54 10.66 10.78
N LEU A 103 8.19 9.60 11.51
CA LEU A 103 9.16 8.93 12.40
C LEU A 103 10.37 8.42 11.63
N GLY A 104 10.14 7.84 10.45
CA GLY A 104 11.23 7.38 9.60
C GLY A 104 12.24 8.48 9.27
N LEU A 105 11.77 9.61 8.75
CA LEU A 105 12.67 10.70 8.42
C LEU A 105 13.36 11.17 9.70
N ILE A 106 12.62 11.19 10.79
CA ILE A 106 13.14 11.75 12.01
C ILE A 106 14.30 10.87 12.55
N ASN A 107 14.17 9.56 12.42
CA ASN A 107 15.17 8.65 12.94
C ASN A 107 16.42 8.71 12.05
N GLN A 108 16.20 8.72 10.74
CA GLN A 108 17.28 8.89 9.78
C GLN A 108 17.99 10.21 10.02
N PHE A 109 17.24 11.23 10.36
CA PHE A 109 17.83 12.55 10.39
C PHE A 109 18.53 12.82 11.70
N PHE A 110 17.85 12.52 12.79
CA PHE A 110 18.38 12.88 14.09
C PHE A 110 19.27 11.76 14.62
N GLY A 111 19.26 10.62 13.94
CA GLY A 111 20.23 9.58 14.24
C GLY A 111 19.80 8.51 15.23
N ARG A 112 18.56 8.54 15.69
CA ARG A 112 18.08 7.45 16.53
C ARG A 112 16.55 7.40 16.57
N TYR A 113 15.99 6.32 17.10
CA TYR A 113 14.56 6.13 17.05
C TYR A 113 13.83 7.01 18.08
N TYR A 114 12.74 7.63 17.62
CA TYR A 114 11.87 8.43 18.45
C TYR A 114 10.50 7.81 18.42
N THR A 115 9.98 7.50 19.58
CA THR A 115 8.60 7.10 19.71
C THR A 115 7.68 8.25 19.26
N PRO A 116 6.43 7.91 18.89
CA PRO A 116 5.45 8.96 18.58
C PRO A 116 5.44 10.11 19.60
N ASP A 117 5.42 9.79 20.90
CA ASP A 117 5.39 10.85 21.90
C ASP A 117 6.74 11.60 21.96
N GLU A 118 7.84 10.88 21.91
CA GLU A 118 9.16 11.52 21.91
C GLU A 118 9.33 12.47 20.71
N ALA A 119 8.72 12.14 19.58
CA ALA A 119 8.87 12.95 18.38
C ALA A 119 8.05 14.23 18.47
N ARG A 120 6.82 14.10 18.98
CA ARG A 120 5.99 15.26 19.25
C ARG A 120 6.75 16.24 20.11
N GLU A 121 7.38 15.72 21.16
CA GLU A 121 8.18 16.53 22.04
C GLU A 121 9.40 17.15 21.32
N LEU A 122 10.09 16.35 20.52
CA LEU A 122 11.22 16.83 19.71
C LEU A 122 10.82 18.01 18.80
N ILE A 123 9.74 17.84 18.03
CA ILE A 123 9.29 18.88 17.12
C ILE A 123 8.96 20.17 17.87
N LYS A 124 8.26 20.04 19.02
CA LYS A 124 7.98 21.20 19.85
C LYS A 124 9.32 21.85 20.33
N GLU A 125 10.22 21.07 20.91
CA GLU A 125 11.49 21.64 21.36
C GLU A 125 12.25 22.37 20.25
N GLN A 126 12.26 21.79 19.06
CA GLN A 126 12.94 22.41 17.94
C GLN A 126 12.26 23.70 17.48
N SER A 127 10.93 23.66 17.35
CA SER A 127 10.17 24.76 16.74
C SER A 127 9.93 25.94 17.70
N ALA A 128 10.29 25.73 18.96
CA ALA A 128 10.10 26.74 19.98
C ALA A 128 11.01 27.97 19.77
N GLU A 129 12.04 27.84 18.95
CA GLU A 129 12.93 28.95 18.67
C GLU A 129 12.19 30.22 18.22
N ILE A 130 10.98 30.05 17.65
CA ILE A 130 10.17 31.15 17.14
C ILE A 130 8.67 30.92 17.37
N ASP A 131 7.99 31.92 17.91
CA ASP A 131 6.53 31.94 18.03
C ASP A 131 5.90 32.23 16.66
N SER A 132 4.91 31.43 16.27
CA SER A 132 4.27 31.61 14.96
C SER A 132 3.71 33.03 14.84
N LYS A 133 3.26 33.53 15.99
CA LYS A 133 2.86 34.92 16.17
C LYS A 133 3.94 35.94 15.73
N ASP A 134 5.20 35.62 15.97
CA ASP A 134 6.28 36.57 15.72
C ASP A 134 6.98 36.38 14.37
N ALA A 135 6.49 35.42 13.58
CA ALA A 135 7.18 35.08 12.33
C ALA A 135 6.88 36.11 11.25
N THR A 136 7.94 36.73 10.75
CA THR A 136 7.77 37.89 9.89
C THR A 136 7.82 37.51 8.41
N ASN A 137 8.21 36.27 8.14
CA ASN A 137 8.25 35.76 6.76
C ASN A 137 8.09 34.24 6.72
N LEU A 138 8.26 33.68 5.53
CA LEU A 138 8.03 32.24 5.32
C LEU A 138 9.06 31.39 6.04
N GLU A 139 10.31 31.81 5.97
CA GLU A 139 11.38 31.10 6.65
C GLU A 139 11.06 30.98 8.14
N GLU A 140 10.73 32.10 8.76
CA GLU A 140 10.48 32.12 10.18
C GLU A 140 9.25 31.31 10.51
N LYS A 141 8.24 31.40 9.65
CA LYS A 141 7.00 30.70 9.92
C LYS A 141 7.25 29.20 9.92
N ALA A 142 7.94 28.72 8.89
CA ALA A 142 8.30 27.31 8.79
C ALA A 142 9.16 26.85 9.99
N ILE A 143 10.21 27.61 10.29
CA ILE A 143 11.03 27.36 11.46
C ILE A 143 10.17 27.25 12.72
N SER A 144 9.21 28.15 12.86
CA SER A 144 8.36 28.20 14.02
C SER A 144 7.51 26.96 14.13
N LEU A 145 7.39 26.24 13.03
CA LEU A 145 6.52 25.07 12.95
C LEU A 145 7.28 23.74 13.09
N ILE A 146 8.44 23.62 12.45
CA ILE A 146 9.15 22.32 12.46
C ILE A 146 10.58 22.43 12.97
N GLY A 147 11.04 23.64 13.27
CA GLY A 147 12.39 23.85 13.76
C GLY A 147 13.38 24.16 12.65
N ARG A 148 14.51 24.78 13.00
CA ARG A 148 15.47 25.18 12.00
C ARG A 148 16.17 24.02 11.30
N PRO A 149 16.51 22.93 12.04
CA PRO A 149 17.25 21.90 11.30
C PRO A 149 16.43 21.26 10.18
N LEU A 150 15.19 20.90 10.45
CA LEU A 150 14.34 20.29 9.43
C LEU A 150 14.02 21.30 8.32
N TYR A 151 13.74 22.54 8.69
CA TYR A 151 13.49 23.55 7.68
C TYR A 151 14.72 23.73 6.79
N GLU A 152 15.91 23.78 7.40
CA GLU A 152 17.09 24.07 6.60
C GLU A 152 17.46 22.87 5.73
N ALA A 153 17.12 21.68 6.20
CA ALA A 153 17.45 20.43 5.51
C ALA A 153 16.53 20.13 4.32
N PHE A 154 15.22 20.27 4.55
CA PHE A 154 14.24 19.76 3.60
C PHE A 154 13.31 20.79 2.96
N ILE A 155 13.29 22.02 3.48
CA ILE A 155 12.31 23.01 3.02
C ILE A 155 12.94 24.15 2.22
N ARG A 156 13.94 24.78 2.80
CA ARG A 156 14.48 26.03 2.29
C ARG A 156 14.86 25.93 0.83
N ASP A 157 15.88 25.13 0.55
CA ASP A 157 16.38 24.99 -0.81
C ASP A 157 15.32 24.51 -1.74
N TYR A 158 14.58 23.49 -1.31
CA TYR A 158 13.55 22.90 -2.15
C TYR A 158 12.58 23.96 -2.62
N THR A 159 12.17 24.83 -1.69
CA THR A 159 11.30 25.96 -1.95
C THR A 159 11.91 26.95 -2.94
N ALA A 160 13.15 27.35 -2.68
CA ALA A 160 13.87 28.21 -3.60
C ALA A 160 13.90 27.63 -5.00
N LYS A 161 14.01 26.32 -5.14
CA LYS A 161 14.07 25.76 -6.48
C LYS A 161 12.73 25.88 -7.16
N GLN A 162 11.66 25.55 -6.43
CA GLN A 162 10.33 25.56 -7.01
C GLN A 162 9.83 26.95 -7.30
N TRP A 163 9.99 27.86 -6.36
CA TRP A 163 9.46 29.20 -6.54
C TRP A 163 10.50 30.21 -6.99
N GLN A 164 11.75 29.76 -7.14
CA GLN A 164 12.87 30.66 -7.47
C GLN A 164 12.85 31.99 -6.74
N THR A 165 12.69 31.90 -5.42
CA THR A 165 12.66 33.03 -4.50
C THR A 165 13.25 32.58 -3.16
N ASP A 166 13.93 33.48 -2.47
CA ASP A 166 14.35 33.21 -1.12
C ASP A 166 13.12 33.20 -0.22
N PRO A 167 12.95 32.13 0.56
CA PRO A 167 11.83 32.05 1.51
C PRO A 167 11.89 33.15 2.58
N LYS A 168 13.08 33.68 2.86
CA LYS A 168 13.21 34.84 3.75
C LYS A 168 12.38 35.98 3.21
N GLU A 169 12.05 35.92 1.93
CA GLU A 169 11.38 37.02 1.28
C GLU A 169 9.93 36.73 0.90
N LEU A 170 9.46 35.52 1.15
CA LEU A 170 8.05 35.21 0.94
C LEU A 170 7.30 35.53 2.25
N PRO A 171 5.97 35.48 2.22
CA PRO A 171 5.45 36.22 3.38
C PRO A 171 4.66 35.50 4.49
N ALA A 172 5.18 34.44 5.11
CA ALA A 172 4.70 33.95 6.42
C ALA A 172 3.29 33.38 6.43
N GLY A 173 2.38 34.04 5.70
CA GLY A 173 1.01 33.58 5.61
C GLY A 173 0.92 32.48 4.60
N ASN A 174 2.00 32.34 3.83
CA ASN A 174 2.11 31.32 2.79
C ASN A 174 2.13 29.90 3.32
N ILE A 175 2.43 29.76 4.61
CA ILE A 175 2.32 28.47 5.30
C ILE A 175 1.42 28.61 6.50
N THR A 176 0.32 27.87 6.51
CA THR A 176 -0.57 27.84 7.67
C THR A 176 -0.12 26.73 8.61
N ARG A 177 0.43 25.67 8.02
CA ARG A 177 0.84 24.51 8.79
C ARG A 177 1.84 23.64 8.03
N LEU A 178 2.76 23.03 8.78
CA LEU A 178 3.72 22.05 8.25
C LEU A 178 3.67 20.82 9.14
N PRO A 179 2.78 19.88 8.79
CA PRO A 179 2.51 18.71 9.63
C PRO A 179 3.64 17.69 9.63
N VAL A 180 3.97 17.18 10.80
CA VAL A 180 4.83 16.02 10.89
C VAL A 180 3.95 14.84 11.22
N ARG A 181 4.09 13.74 10.49
CA ARG A 181 3.38 12.51 10.88
C ARG A 181 4.11 11.86 12.09
N TYR A 182 3.37 11.53 13.13
CA TYR A 182 4.01 10.98 14.31
C TYR A 182 3.82 9.46 14.33
N ASN A 183 3.85 8.90 13.13
CA ASN A 183 3.91 7.47 12.93
C ASN A 183 4.86 7.16 11.77
N PHE A 184 4.86 5.90 11.31
CA PHE A 184 5.72 5.44 10.22
C PHE A 184 4.97 5.36 8.90
N ASP A 185 3.76 5.90 8.89
CA ASP A 185 2.97 5.92 7.67
C ASP A 185 3.66 6.81 6.60
N ASN A 186 4.08 6.20 5.50
CA ASN A 186 4.61 7.03 4.43
C ASN A 186 3.82 6.87 3.14
N ARG A 187 2.53 6.58 3.26
CA ARG A 187 1.66 6.63 2.09
C ARG A 187 1.40 8.10 1.79
N TYR A 188 1.87 8.55 0.64
CA TYR A 188 1.90 9.97 0.32
C TYR A 188 0.53 10.65 0.32
N PHE A 189 -0.47 9.95 -0.21
CA PHE A 189 -1.83 10.46 -0.15
C PHE A 189 -2.63 9.78 0.93
N ASN A 190 -3.50 10.53 1.58
CA ASN A 190 -4.41 9.92 2.54
C ASN A 190 -5.84 9.84 2.01
N ASP A 191 -6.00 9.65 0.71
CA ASP A 191 -7.34 9.51 0.16
C ASP A 191 -7.81 8.07 0.12
N THR A 192 -9.12 7.88 0.22
CA THR A 192 -9.73 6.56 0.19
C THR A 192 -9.39 5.73 -1.05
N TYR A 193 -9.48 6.35 -2.22
CA TYR A 193 -9.22 5.67 -3.48
C TYR A 193 -7.96 6.23 -4.11
N GLU A 194 -7.17 5.35 -4.70
CA GLU A 194 -5.94 5.74 -5.36
C GLU A 194 -5.59 4.66 -6.36
N GLY A 195 -4.96 5.07 -7.45
CA GLY A 195 -4.52 4.12 -8.46
C GLY A 195 -4.05 4.79 -9.72
N LEU A 196 -3.45 4.00 -10.61
CA LEU A 196 -3.10 4.46 -11.94
C LEU A 196 -3.99 3.74 -12.94
N PRO A 197 -4.28 4.39 -14.07
CA PRO A 197 -5.16 3.79 -15.09
C PRO A 197 -4.50 2.56 -15.67
N VAL A 198 -5.14 1.41 -15.50
CA VAL A 198 -4.58 0.14 -15.93
C VAL A 198 -4.02 0.17 -17.34
N ASP A 199 -4.74 0.84 -18.25
CA ASP A 199 -4.34 0.90 -19.65
C ASP A 199 -3.73 2.24 -20.02
N GLY A 200 -3.23 2.96 -19.04
CA GLY A 200 -2.60 4.22 -19.34
C GLY A 200 -3.58 5.37 -19.43
N TYR A 201 -3.07 6.59 -19.33
CA TYR A 201 -3.97 7.75 -19.24
C TYR A 201 -4.68 8.02 -20.53
N ALA A 202 -3.92 7.98 -21.62
CA ALA A 202 -4.44 8.30 -22.94
C ALA A 202 -5.70 7.49 -23.25
N GLN A 203 -5.63 6.18 -23.00
CA GLN A 203 -6.76 5.29 -23.17
C GLN A 203 -8.00 5.78 -22.40
N TRP A 204 -7.80 6.13 -21.13
CA TRP A 204 -8.88 6.60 -20.26
C TRP A 204 -9.52 7.91 -20.78
N LEU A 205 -8.69 8.88 -21.15
CA LEU A 205 -9.21 10.18 -21.58
C LEU A 205 -9.91 10.05 -22.93
N SER A 206 -9.27 9.33 -23.83
CA SER A 206 -9.88 8.96 -25.09
C SER A 206 -11.29 8.39 -24.90
N ASN A 207 -11.46 7.55 -23.90
CA ASN A 207 -12.76 6.98 -23.61
C ASN A 207 -13.80 7.98 -23.16
N MET A 208 -13.41 8.91 -22.30
CA MET A 208 -14.32 9.95 -21.84
C MET A 208 -14.91 10.74 -23.01
N ALA A 209 -14.16 10.84 -24.10
CA ALA A 209 -14.56 11.66 -25.22
C ALA A 209 -15.24 10.83 -26.31
N ASP A 210 -15.11 9.51 -26.22
CA ASP A 210 -15.74 8.59 -27.17
C ASP A 210 -17.24 8.37 -26.94
N HIS A 211 -18.06 9.36 -27.27
CA HIS A 211 -19.51 9.23 -27.21
C HIS A 211 -20.10 9.76 -28.50
N GLU A 212 -21.17 9.14 -28.97
CA GLU A 212 -21.76 9.52 -30.26
C GLU A 212 -22.12 11.00 -30.33
N ASN A 213 -22.54 11.60 -29.22
CA ASN A 213 -22.91 13.02 -29.23
C ASN A 213 -21.74 13.96 -29.04
N ILE A 214 -20.51 13.45 -29.13
CA ILE A 214 -19.34 14.31 -28.96
C ILE A 214 -18.52 14.33 -30.22
N GLU A 215 -18.20 15.54 -30.71
CA GLU A 215 -17.19 15.68 -31.74
C GLU A 215 -15.96 16.37 -31.19
N VAL A 216 -14.81 15.70 -31.31
CA VAL A 216 -13.55 16.28 -30.88
C VAL A 216 -12.89 16.97 -32.06
N ARG A 217 -12.40 18.18 -31.83
CA ARG A 217 -11.67 18.96 -32.83
C ARG A 217 -10.25 19.28 -32.31
N LEU A 218 -9.31 18.39 -32.61
CA LEU A 218 -7.94 18.60 -32.18
C LEU A 218 -7.25 19.67 -33.01
N ASP A 219 -6.10 20.15 -32.51
CA ASP A 219 -5.26 21.09 -33.23
C ASP A 219 -6.04 22.30 -33.72
N THR A 220 -6.84 22.88 -32.83
CA THR A 220 -7.72 23.96 -33.21
C THR A 220 -7.77 24.96 -32.08
N ASP A 221 -7.29 26.17 -32.34
CA ASP A 221 -7.34 27.25 -31.35
C ASP A 221 -8.73 27.86 -31.40
N TRP A 222 -9.39 27.87 -30.25
CA TRP A 222 -10.71 28.49 -30.11
C TRP A 222 -10.76 29.91 -30.66
N PHE A 223 -9.77 30.74 -30.33
CA PHE A 223 -9.78 32.14 -30.72
C PHE A 223 -9.67 32.34 -32.22
N GLU A 224 -9.26 31.30 -32.93
CA GLU A 224 -9.17 31.34 -34.39
C GLU A 224 -10.48 31.01 -35.10
N VAL A 225 -11.39 30.34 -34.41
CA VAL A 225 -12.62 29.85 -35.03
C VAL A 225 -13.87 30.23 -34.27
N ARG A 226 -13.73 31.08 -33.25
CA ARG A 226 -14.87 31.35 -32.39
C ARG A 226 -15.91 32.26 -33.04
N GLU A 227 -15.51 33.09 -33.99
CA GLU A 227 -16.53 33.91 -34.65
C GLU A 227 -17.44 33.02 -35.46
N ASP A 228 -16.85 32.10 -36.21
CA ASP A 228 -17.65 31.15 -36.97
C ASP A 228 -18.56 30.33 -36.06
N LEU A 229 -17.97 29.63 -35.09
CA LEU A 229 -18.71 28.68 -34.26
C LEU A 229 -19.86 29.35 -33.50
N ARG A 230 -19.59 30.52 -32.92
CA ARG A 230 -20.63 31.31 -32.25
C ARG A 230 -21.74 31.64 -33.24
N ALA A 231 -21.35 32.03 -34.45
CA ALA A 231 -22.35 32.42 -35.44
C ALA A 231 -23.24 31.23 -35.79
N GLN A 232 -22.63 30.07 -35.95
CA GLN A 232 -23.37 28.90 -36.36
C GLN A 232 -24.13 28.22 -35.22
N ASN A 233 -23.75 28.54 -33.99
CA ASN A 233 -24.39 27.91 -32.85
C ASN A 233 -24.69 28.96 -31.80
N PRO A 234 -25.44 29.99 -32.19
CA PRO A 234 -25.63 31.16 -31.32
C PRO A 234 -26.29 30.78 -30.00
N GLU A 235 -27.14 29.77 -30.02
CA GLU A 235 -27.84 29.35 -28.82
C GLU A 235 -26.91 28.64 -27.82
N ALA A 236 -25.85 28.01 -28.34
CA ALA A 236 -25.01 27.10 -27.57
C ALA A 236 -24.12 27.80 -26.55
N PRO A 237 -24.21 27.39 -25.29
CA PRO A 237 -23.29 27.97 -24.31
C PRO A 237 -21.84 27.45 -24.48
N VAL A 238 -20.91 28.15 -23.84
CA VAL A 238 -19.49 27.79 -23.97
C VAL A 238 -18.81 27.54 -22.61
N VAL A 239 -18.28 26.33 -22.44
CA VAL A 239 -17.43 26.06 -21.30
C VAL A 239 -15.99 26.28 -21.76
N TYR A 240 -15.36 27.30 -21.20
CA TYR A 240 -14.00 27.68 -21.58
C TYR A 240 -13.02 27.29 -20.49
N THR A 241 -12.06 26.41 -20.81
CA THR A 241 -11.03 26.07 -19.84
C THR A 241 -9.65 26.54 -20.26
N GLY A 242 -9.62 27.56 -21.13
CA GLY A 242 -8.36 28.12 -21.60
C GLY A 242 -7.85 29.14 -20.61
N PRO A 243 -6.73 29.79 -20.96
CA PRO A 243 -6.18 30.87 -20.16
C PRO A 243 -7.22 31.96 -19.94
N LEU A 244 -7.40 32.35 -18.69
CA LEU A 244 -8.37 33.37 -18.32
C LEU A 244 -7.96 34.77 -18.79
N ASP A 245 -6.68 35.11 -18.67
CA ASP A 245 -6.24 36.46 -19.06
C ASP A 245 -6.19 36.61 -20.58
N ARG A 246 -5.84 35.52 -21.28
CA ARG A 246 -5.79 35.50 -22.74
C ARG A 246 -7.18 35.73 -23.30
N TYR A 247 -8.18 35.09 -22.68
CA TYR A 247 -9.58 35.27 -23.07
C TYR A 247 -9.98 36.74 -23.15
N PHE A 248 -9.52 37.54 -22.19
CA PHE A 248 -9.84 38.95 -22.15
C PHE A 248 -8.68 39.77 -22.66
N ASP A 249 -8.00 39.21 -23.66
CA ASP A 249 -6.92 39.86 -24.39
C ASP A 249 -5.93 40.60 -23.49
N TYR A 250 -5.58 39.94 -22.37
CA TYR A 250 -4.62 40.48 -21.42
C TYR A 250 -4.86 41.96 -21.06
N SER A 251 -6.12 42.36 -21.01
CA SER A 251 -6.45 43.76 -20.76
C SER A 251 -6.09 44.22 -19.34
N GLU A 252 -5.93 43.28 -18.41
CA GLU A 252 -5.53 43.62 -17.04
C GLU A 252 -4.10 43.22 -16.75
N GLY A 253 -3.41 42.71 -17.77
CA GLY A 253 -2.03 42.28 -17.63
C GLY A 253 -1.87 40.80 -17.82
N HIS A 254 -0.68 40.28 -17.52
CA HIS A 254 -0.42 38.85 -17.67
C HIS A 254 -0.25 38.14 -16.32
N LEU A 255 -1.10 37.16 -16.07
CA LEU A 255 -1.02 36.36 -14.87
C LEU A 255 0.26 35.52 -14.90
N GLY A 256 0.97 35.46 -13.76
CA GLY A 256 2.23 34.74 -13.67
C GLY A 256 2.13 33.26 -13.34
N TRP A 257 2.73 32.42 -14.18
CA TRP A 257 2.82 30.98 -13.92
C TRP A 257 4.26 30.52 -13.90
N ARG A 258 4.51 29.45 -13.14
CA ARG A 258 5.75 28.70 -13.30
C ARG A 258 5.54 27.68 -14.41
N THR A 259 6.58 27.45 -15.21
CA THR A 259 6.56 26.28 -16.08
C THR A 259 7.52 25.21 -15.57
N LEU A 260 7.47 24.04 -16.20
CA LEU A 260 8.41 22.96 -15.91
C LEU A 260 9.11 22.48 -17.17
N ASP A 261 10.43 22.28 -17.05
CA ASP A 261 11.22 21.63 -18.09
C ASP A 261 11.50 20.19 -17.70
N PHE A 262 11.36 19.29 -18.67
CA PHE A 262 11.63 17.87 -18.45
C PHE A 262 12.72 17.34 -19.36
N GLU A 263 13.83 16.91 -18.77
CA GLU A 263 14.92 16.26 -19.49
C GLU A 263 14.75 14.76 -19.47
N THR A 264 14.41 14.17 -20.61
CA THR A 264 14.17 12.74 -20.64
C THR A 264 15.41 11.95 -21.07
N GLU A 265 15.69 10.85 -20.37
CA GLU A 265 16.79 9.97 -20.76
C GLU A 265 16.29 8.53 -20.78
N VAL A 266 16.69 7.78 -21.83
CA VAL A 266 16.65 6.33 -21.79
C VAL A 266 18.02 5.83 -21.31
N LEU A 267 18.03 5.00 -20.29
CA LEU A 267 19.29 4.63 -19.68
C LEU A 267 19.59 3.18 -19.86
N ASN A 268 20.86 2.81 -19.96
N ASN A 268 20.89 2.94 -19.82
CA ASN A 268 21.17 1.39 -20.20
CA ASN A 268 21.59 1.67 -19.97
C ASN A 268 21.26 0.58 -18.92
C ASN A 268 21.36 0.64 -18.84
N THR A 269 20.38 0.88 -17.97
CA THR A 269 20.16 0.03 -16.82
C THR A 269 18.67 -0.23 -16.72
N GLY A 270 18.30 -1.33 -16.08
CA GLY A 270 16.88 -1.65 -15.91
C GLY A 270 16.25 -0.96 -14.73
N ASP A 271 17.09 -0.37 -13.87
CA ASP A 271 16.61 0.30 -12.67
C ASP A 271 17.60 1.35 -12.22
N PHE A 272 17.12 2.59 -12.18
CA PHE A 272 17.96 3.74 -11.93
C PHE A 272 17.88 4.23 -10.51
N GLN A 273 16.71 4.12 -9.87
CA GLN A 273 16.61 4.64 -8.51
C GLN A 273 15.70 3.78 -7.65
N GLY A 274 15.13 2.74 -8.26
CA GLY A 274 14.30 1.79 -7.53
C GLY A 274 13.06 2.34 -6.83
N THR A 275 12.52 3.44 -7.36
CA THR A 275 11.32 4.07 -6.84
C THR A 275 10.82 5.05 -7.90
N PRO A 276 9.49 5.29 -7.96
CA PRO A 276 9.00 6.12 -9.09
C PRO A 276 9.48 7.57 -9.05
N VAL A 277 9.59 8.13 -7.86
CA VAL A 277 9.93 9.54 -7.74
C VAL A 277 10.89 9.78 -6.60
N MET A 278 11.96 10.49 -6.94
CA MET A 278 12.96 10.86 -5.98
C MET A 278 13.01 12.37 -5.98
N ASN A 279 12.65 12.98 -4.86
CA ASN A 279 12.84 14.42 -4.72
C ASN A 279 14.29 14.75 -4.47
N TYR A 280 14.73 15.90 -4.96
CA TYR A 280 16.05 16.39 -4.63
C TYR A 280 15.94 17.72 -3.88
N ASN A 281 16.07 17.66 -2.56
CA ASN A 281 15.88 18.83 -1.74
C ASN A 281 17.03 19.81 -1.67
N ASP A 282 18.21 19.41 -2.12
CA ASP A 282 19.38 20.24 -1.94
C ASP A 282 19.55 21.24 -3.09
N ALA A 283 20.26 22.32 -2.84
CA ALA A 283 20.43 23.34 -3.84
C ALA A 283 21.47 22.94 -4.89
N GLU A 284 22.31 21.97 -4.53
CA GLU A 284 23.47 21.59 -5.33
C GLU A 284 23.09 20.82 -6.59
N PHE A 285 21.86 20.32 -6.64
CA PHE A 285 21.34 19.67 -7.84
C PHE A 285 20.17 20.49 -8.36
N PRO A 286 20.28 20.96 -9.60
CA PRO A 286 19.34 21.92 -10.20
C PRO A 286 17.92 21.40 -10.32
N TYR A 287 17.72 20.12 -10.65
CA TYR A 287 16.37 19.59 -10.84
C TYR A 287 15.69 19.43 -9.49
N THR A 288 14.36 19.33 -9.53
CA THR A 288 13.57 19.19 -8.33
C THR A 288 13.26 17.72 -8.00
N ARG A 289 12.88 16.94 -9.01
CA ARG A 289 12.72 15.50 -8.83
C ARG A 289 13.30 14.74 -10.02
N ILE A 290 13.38 13.43 -9.89
CA ILE A 290 13.64 12.57 -11.02
C ILE A 290 12.52 11.54 -11.05
N HIS A 291 11.85 11.36 -12.18
CA HIS A 291 10.83 10.33 -12.27
C HIS A 291 11.40 9.13 -13.01
N GLU A 292 11.11 7.93 -12.54
CA GLU A 292 11.50 6.71 -13.26
C GLU A 292 10.23 5.93 -13.55
N PHE A 293 9.77 5.99 -14.79
CA PHE A 293 8.36 5.68 -15.09
C PHE A 293 7.98 4.20 -14.98
N ARG A 294 8.92 3.29 -15.26
CA ARG A 294 8.59 1.87 -15.19
C ARG A 294 7.97 1.57 -13.83
N HIS A 295 8.50 2.25 -12.83
CA HIS A 295 8.08 2.05 -11.45
C HIS A 295 6.62 2.48 -11.16
N PHE A 296 6.01 3.27 -12.04
CA PHE A 296 4.58 3.58 -11.88
C PHE A 296 3.66 2.39 -12.19
N HIS A 297 4.13 1.46 -13.01
CA HIS A 297 3.36 0.27 -13.36
C HIS A 297 4.18 -0.99 -13.16
N PRO A 298 4.45 -1.34 -11.90
CA PRO A 298 5.18 -2.59 -11.62
C PRO A 298 4.50 -3.84 -12.18
N GLU A 299 3.19 -3.79 -12.39
CA GLU A 299 2.47 -4.92 -12.96
C GLU A 299 2.90 -5.20 -14.41
N ARG A 300 3.59 -4.25 -15.04
CA ARG A 300 3.98 -4.42 -16.44
C ARG A 300 5.41 -4.89 -16.61
N GLU A 301 6.03 -5.44 -15.57
CA GLU A 301 7.47 -5.70 -15.64
C GLU A 301 7.84 -6.68 -16.74
N ASP A 302 6.94 -7.61 -17.05
CA ASP A 302 7.19 -8.56 -18.14
C ASP A 302 7.21 -7.92 -19.52
N ARG A 303 6.28 -7.01 -19.79
CA ARG A 303 6.35 -6.12 -20.96
C ARG A 303 7.65 -5.29 -21.00
N HIS A 304 8.03 -4.70 -19.86
CA HIS A 304 9.16 -3.77 -19.72
C HIS A 304 10.53 -4.33 -20.10
N PRO A 305 11.37 -3.50 -20.75
CA PRO A 305 12.78 -3.82 -21.00
C PRO A 305 13.48 -4.35 -19.76
N LYS A 306 14.42 -5.29 -19.91
CA LYS A 306 15.10 -5.84 -18.74
C LYS A 306 16.28 -4.95 -18.37
N ASP A 307 16.89 -4.33 -19.36
CA ASP A 307 18.09 -3.55 -19.08
C ASP A 307 18.01 -2.12 -19.60
N LYS A 308 16.80 -1.59 -19.69
CA LYS A 308 16.61 -0.20 -20.05
C LYS A 308 15.52 0.42 -19.16
N THR A 309 15.67 1.70 -18.87
CA THR A 309 14.68 2.43 -18.09
C THR A 309 14.61 3.87 -18.62
N VAL A 310 13.43 4.49 -18.55
CA VAL A 310 13.33 5.91 -18.90
C VAL A 310 13.23 6.77 -17.65
N ILE A 311 14.13 7.73 -17.50
CA ILE A 311 13.97 8.71 -16.43
C ILE A 311 13.69 10.12 -16.96
N MET A 312 13.28 11.00 -16.06
CA MET A 312 12.96 12.35 -16.43
C MET A 312 13.30 13.30 -15.31
N LYS A 313 14.24 14.22 -15.56
CA LYS A 313 14.63 15.23 -14.60
C LYS A 313 13.73 16.45 -14.74
N GLU A 314 13.26 16.98 -13.61
CA GLU A 314 12.29 18.07 -13.66
C GLU A 314 12.89 19.40 -13.17
N TYR A 315 12.63 20.48 -13.91
CA TYR A 315 13.20 21.79 -13.58
C TYR A 315 12.11 22.86 -13.55
N SER A 316 12.17 23.70 -12.52
CA SER A 316 11.18 24.76 -12.33
C SER A 316 11.72 26.10 -12.85
N ARG A 317 10.81 26.87 -13.42
CA ARG A 317 11.19 28.05 -14.16
C ARG A 317 9.98 28.93 -14.21
N PHE A 318 10.20 30.25 -14.17
CA PHE A 318 9.11 31.16 -14.51
C PHE A 318 8.68 30.91 -15.95
N ALA A 319 7.37 30.80 -16.16
CA ALA A 319 6.78 30.52 -17.48
C ALA A 319 6.76 31.77 -18.36
N GLU A 320 7.50 31.73 -19.45
CA GLU A 320 7.61 32.86 -20.36
C GLU A 320 6.86 32.61 -21.63
N GLU A 321 6.88 33.64 -22.48
CA GLU A 321 6.40 33.62 -23.85
C GLU A 321 6.72 32.27 -24.51
N GLY A 322 5.72 31.42 -24.64
CA GLY A 322 5.92 30.15 -25.31
C GLY A 322 6.07 28.92 -24.43
N ASP A 323 6.17 29.11 -23.12
CA ASP A 323 6.19 27.97 -22.19
C ASP A 323 4.79 27.54 -21.80
N GLU A 324 4.62 26.26 -21.51
CA GLU A 324 3.36 25.79 -20.95
C GLU A 324 3.19 26.29 -19.54
N PRO A 325 2.09 26.99 -19.27
CA PRO A 325 1.85 27.43 -17.91
C PRO A 325 1.39 26.26 -17.03
N TYR A 326 1.98 26.10 -15.86
CA TYR A 326 1.68 24.94 -15.02
C TYR A 326 1.12 25.29 -13.64
N TYR A 327 1.87 26.07 -12.86
CA TYR A 327 1.45 26.44 -11.51
C TYR A 327 1.31 27.96 -11.38
N PRO A 328 0.15 28.41 -10.86
CA PRO A 328 -0.07 29.84 -10.61
C PRO A 328 0.82 30.38 -9.51
N ILE A 329 1.51 31.49 -9.78
CA ILE A 329 2.46 32.06 -8.85
C ILE A 329 1.79 32.85 -7.71
N ASN A 330 0.73 33.59 -8.02
CA ASN A 330 -0.01 34.39 -7.03
C ASN A 330 0.80 35.43 -6.26
N THR A 331 1.65 36.20 -6.94
CA THR A 331 2.16 37.42 -6.31
C THR A 331 0.95 38.32 -6.02
N PRO A 332 1.10 39.25 -5.07
CA PRO A 332 0.09 40.28 -4.84
C PRO A 332 -0.48 40.90 -6.12
N SER A 333 0.37 41.19 -7.10
CA SER A 333 -0.10 41.68 -8.39
C SER A 333 -0.97 40.66 -9.08
N ASP A 334 -0.49 39.41 -9.16
CA ASP A 334 -1.30 38.31 -9.71
C ASP A 334 -2.66 38.28 -9.05
N ARG A 335 -2.70 38.42 -7.73
CA ARG A 335 -3.93 38.36 -6.97
C ARG A 335 -4.91 39.50 -7.35
N GLU A 336 -4.40 40.72 -7.43
CA GLU A 336 -5.22 41.86 -7.81
C GLU A 336 -5.66 41.76 -9.26
N MET A 337 -4.77 41.25 -10.09
CA MET A 337 -5.08 40.97 -11.49
C MET A 337 -6.16 39.91 -11.65
N LEU A 338 -6.03 38.82 -10.90
CA LEU A 338 -6.99 37.73 -10.95
C LEU A 338 -8.37 38.26 -10.63
N PHE A 339 -8.39 39.22 -9.71
CA PHE A 339 -9.67 39.75 -9.24
C PHE A 339 -10.41 40.50 -10.34
N LYS A 340 -9.72 41.42 -11.00
CA LYS A 340 -10.29 42.12 -12.15
C LYS A 340 -10.81 41.14 -13.21
N TYR A 341 -10.01 40.12 -13.54
CA TYR A 341 -10.41 39.13 -14.54
C TYR A 341 -11.59 38.30 -14.06
N ARG A 342 -11.60 38.03 -12.76
CA ARG A 342 -12.71 37.27 -12.21
C ARG A 342 -14.03 38.03 -12.37
N GLU A 343 -14.01 39.35 -12.14
CA GLU A 343 -15.21 40.16 -12.35
C GLU A 343 -15.63 40.13 -13.81
N LEU A 344 -14.70 40.43 -14.71
CA LEU A 344 -14.95 40.38 -16.16
C LEU A 344 -15.57 39.06 -16.58
N ALA A 345 -15.06 37.97 -16.03
CA ALA A 345 -15.59 36.64 -16.31
C ALA A 345 -17.04 36.47 -15.87
N ASP A 346 -17.34 36.95 -14.65
CA ASP A 346 -18.70 36.95 -14.11
C ASP A 346 -19.66 37.59 -15.10
N ALA A 347 -19.34 38.82 -15.52
CA ALA A 347 -20.07 39.51 -16.57
C ALA A 347 -20.25 38.61 -17.79
N GLU A 348 -19.14 38.13 -18.34
CA GLU A 348 -19.16 37.33 -19.57
C GLU A 348 -20.10 36.13 -19.48
N THR A 349 -20.18 35.56 -18.30
CA THR A 349 -20.97 34.37 -18.09
C THR A 349 -22.45 34.72 -18.11
N GLU A 350 -22.81 35.74 -17.33
CA GLU A 350 -24.15 36.28 -17.36
C GLU A 350 -24.56 36.73 -18.76
N SER A 351 -23.79 37.64 -19.35
CA SER A 351 -24.15 38.22 -20.63
C SER A 351 -23.93 37.34 -21.85
N GLY A 352 -23.13 36.29 -21.72
CA GLY A 352 -22.67 35.55 -22.89
C GLY A 352 -22.88 34.06 -22.86
N LYS A 353 -23.27 33.52 -21.70
CA LYS A 353 -23.40 32.08 -21.52
C LYS A 353 -22.04 31.42 -21.83
N VAL A 354 -20.98 32.11 -21.44
CA VAL A 354 -19.62 31.59 -21.47
C VAL A 354 -19.17 31.28 -20.06
N TYR A 355 -19.07 29.99 -19.75
CA TYR A 355 -18.61 29.58 -18.42
C TYR A 355 -17.11 29.33 -18.36
N PHE A 356 -16.50 29.66 -17.22
CA PHE A 356 -15.08 29.49 -17.03
C PHE A 356 -14.80 28.36 -16.05
N GLY A 357 -13.88 27.48 -16.41
CA GLY A 357 -13.53 26.36 -15.57
C GLY A 357 -12.10 25.87 -15.78
N GLY A 358 -11.71 24.91 -14.96
CA GLY A 358 -10.43 24.26 -15.10
C GLY A 358 -9.30 25.09 -14.55
N ARG A 359 -8.11 24.50 -14.62
CA ARG A 359 -6.89 25.06 -14.06
C ARG A 359 -6.55 26.43 -14.65
N LEU A 360 -6.61 26.52 -15.97
CA LEU A 360 -6.24 27.74 -16.68
C LEU A 360 -7.35 28.77 -16.63
N GLY A 361 -8.59 28.28 -16.66
CA GLY A 361 -9.76 29.12 -16.74
C GLY A 361 -10.00 29.90 -15.47
N THR A 362 -9.36 29.46 -14.39
CA THR A 362 -9.64 30.00 -13.09
C THR A 362 -8.36 30.41 -12.37
N TYR A 363 -7.22 30.21 -13.05
CA TYR A 363 -5.91 30.52 -12.47
C TYR A 363 -5.80 29.84 -11.11
N GLN A 364 -5.96 28.53 -11.13
CA GLN A 364 -5.88 27.75 -9.92
C GLN A 364 -5.44 26.32 -10.21
N TYR A 365 -4.40 25.85 -9.52
CA TYR A 365 -3.97 24.45 -9.66
C TYR A 365 -5.08 23.51 -9.20
N LEU A 366 -5.42 22.54 -10.05
CA LEU A 366 -6.44 21.55 -9.72
C LEU A 366 -5.89 20.15 -9.90
N ASP A 367 -5.96 19.34 -8.86
CA ASP A 367 -5.78 17.91 -9.01
C ASP A 367 -6.81 17.40 -9.99
N MET A 368 -6.49 16.28 -10.61
CA MET A 368 -7.40 15.64 -11.54
C MET A 368 -8.77 15.43 -10.90
N HIS A 369 -8.79 14.90 -9.68
CA HIS A 369 -10.06 14.62 -9.02
C HIS A 369 -10.79 15.89 -8.60
N MET A 370 -10.06 16.96 -8.31
N MET A 370 -10.00 16.92 -8.25
CA MET A 370 -10.73 18.21 -7.96
CA MET A 370 -10.51 18.27 -7.97
C MET A 370 -11.27 18.91 -9.20
C MET A 370 -11.26 18.78 -9.18
N ALA A 371 -10.61 18.72 -10.34
CA ALA A 371 -11.13 19.27 -11.57
C ALA A 371 -12.39 18.54 -11.96
N ILE A 372 -12.35 17.23 -11.86
CA ILE A 372 -13.54 16.43 -12.14
C ILE A 372 -14.72 16.81 -11.22
N ALA A 373 -14.46 17.02 -9.93
CA ALA A 373 -15.52 17.39 -9.00
C ALA A 373 -16.12 18.75 -9.38
N SER A 374 -15.25 19.69 -9.72
CA SER A 374 -15.65 21.04 -10.09
C SER A 374 -16.48 21.08 -11.38
N ALA A 375 -16.16 20.17 -12.28
CA ALA A 375 -16.91 20.05 -13.53
C ALA A 375 -18.25 19.37 -13.26
N LEU A 376 -18.31 18.46 -12.29
CA LEU A 376 -19.56 17.81 -11.96
C LEU A 376 -20.46 18.87 -11.33
N SER A 377 -19.85 19.74 -10.54
CA SER A 377 -20.61 20.80 -9.93
C SER A 377 -21.14 21.78 -10.97
N MET A 378 -20.29 22.23 -11.87
CA MET A 378 -20.73 23.18 -12.90
C MET A 378 -21.83 22.56 -13.77
N PHE A 379 -21.69 21.29 -14.09
CA PHE A 379 -22.73 20.61 -14.84
C PHE A 379 -24.04 20.61 -14.10
N ASP A 380 -23.99 20.34 -12.81
CA ASP A 380 -25.21 20.27 -12.00
C ASP A 380 -25.82 21.65 -11.73
N ASN A 381 -25.03 22.57 -11.21
CA ASN A 381 -25.58 23.85 -10.78
C ASN A 381 -25.79 24.90 -11.87
N LYS A 382 -25.37 24.60 -13.09
CA LYS A 382 -25.36 25.62 -14.15
C LYS A 382 -25.73 25.08 -15.52
N LEU A 383 -25.17 23.94 -15.90
CA LEU A 383 -25.27 23.49 -17.28
C LEU A 383 -26.54 22.69 -17.60
N VAL A 384 -27.24 22.21 -16.59
CA VAL A 384 -28.47 21.49 -16.88
C VAL A 384 -29.56 22.51 -17.16
N ASP A 385 -29.56 23.58 -16.38
CA ASP A 385 -30.48 24.67 -16.61
C ASP A 385 -30.13 25.35 -17.94
N ALA A 386 -28.86 25.72 -18.12
CA ALA A 386 -28.44 26.47 -19.30
C ALA A 386 -28.69 25.72 -20.60
N LEU A 387 -28.72 24.38 -20.53
CA LEU A 387 -28.95 23.56 -21.70
C LEU A 387 -30.42 23.08 -21.81
N LYS A 388 -31.23 23.38 -20.81
CA LYS A 388 -32.60 22.82 -20.68
C LYS A 388 -33.46 23.01 -21.95
N SER B 3 -24.44 -42.78 11.75
CA SER B 3 -25.82 -42.70 11.26
C SER B 3 -26.30 -41.23 11.27
N ASP B 4 -25.82 -40.46 12.25
CA ASP B 4 -26.18 -39.04 12.40
C ASP B 4 -25.25 -38.07 11.65
N PHE B 5 -24.00 -38.48 11.44
CA PHE B 5 -23.00 -37.66 10.77
C PHE B 5 -22.32 -38.49 9.71
N ASP B 6 -21.93 -37.86 8.61
CA ASP B 6 -21.25 -38.55 7.51
C ASP B 6 -19.76 -38.30 7.60
N LEU B 7 -19.40 -37.38 8.49
CA LEU B 7 -18.03 -36.95 8.67
C LEU B 7 -17.87 -36.22 9.99
N ILE B 8 -16.80 -36.58 10.72
CA ILE B 8 -16.38 -35.84 11.89
C ILE B 8 -15.08 -35.13 11.57
N VAL B 9 -15.02 -33.84 11.91
CA VAL B 9 -13.77 -33.09 11.78
C VAL B 9 -13.27 -32.67 13.16
N VAL B 10 -12.01 -32.98 13.44
CA VAL B 10 -11.38 -32.63 14.70
C VAL B 10 -10.61 -31.33 14.59
N GLY B 11 -10.99 -30.34 15.39
CA GLY B 11 -10.32 -29.04 15.35
C GLY B 11 -10.98 -27.98 14.48
N SER B 12 -11.15 -26.77 15.03
CA SER B 12 -11.88 -25.70 14.35
C SER B 12 -10.98 -24.63 13.73
N GLY B 13 -9.71 -24.96 13.56
CA GLY B 13 -8.81 -24.10 12.81
C GLY B 13 -9.20 -24.11 11.35
N LEU B 14 -8.53 -23.29 10.56
CA LEU B 14 -8.91 -23.07 9.16
C LEU B 14 -8.93 -24.32 8.29
N PHE B 15 -8.04 -25.27 8.56
CA PHE B 15 -7.98 -26.47 7.73
C PHE B 15 -9.24 -27.30 7.93
N GLY B 16 -9.73 -27.28 9.17
CA GLY B 16 -10.95 -27.99 9.52
C GLY B 16 -12.21 -27.30 9.03
N LEU B 17 -12.32 -26.01 9.29
CA LEU B 17 -13.44 -25.21 8.82
C LEU B 17 -13.59 -25.34 7.32
N THR B 18 -12.47 -25.47 6.64
CA THR B 18 -12.49 -25.60 5.20
C THR B 18 -13.04 -26.96 4.80
N VAL B 19 -12.60 -27.99 5.52
CA VAL B 19 -13.06 -29.34 5.22
C VAL B 19 -14.55 -29.50 5.53
N ALA B 20 -14.97 -28.99 6.69
CA ALA B 20 -16.37 -29.11 7.11
C ALA B 20 -17.32 -28.29 6.26
N GLU B 21 -16.93 -27.06 5.90
CA GLU B 21 -17.76 -26.22 5.05
C GLU B 21 -17.86 -26.81 3.63
N ARG B 22 -16.74 -27.26 3.08
CA ARG B 22 -16.77 -27.80 1.72
C ARG B 22 -17.57 -29.08 1.70
N ALA B 23 -17.74 -29.68 2.88
CA ALA B 23 -18.55 -30.87 3.03
C ALA B 23 -20.04 -30.52 3.03
N ALA B 24 -20.41 -29.67 3.99
CA ALA B 24 -21.80 -29.31 4.22
C ALA B 24 -22.43 -28.61 3.02
N SER B 25 -21.84 -27.51 2.61
CA SER B 25 -22.35 -26.69 1.51
C SER B 25 -22.36 -27.43 0.18
N GLN B 26 -21.23 -27.99 -0.20
CA GLN B 26 -21.10 -28.41 -1.58
C GLN B 26 -21.69 -29.79 -1.81
N LEU B 27 -21.35 -30.78 -1.00
CA LEU B 27 -21.92 -32.10 -1.23
C LEU B 27 -22.91 -32.57 -0.16
N GLY B 28 -23.39 -31.63 0.66
CA GLY B 28 -24.58 -31.85 1.45
C GLY B 28 -24.48 -32.52 2.81
N LYS B 29 -23.44 -33.34 3.00
CA LYS B 29 -23.36 -34.22 4.17
C LYS B 29 -23.33 -33.47 5.51
N LYS B 30 -23.86 -34.10 6.56
CA LYS B 30 -23.93 -33.49 7.89
C LYS B 30 -22.67 -33.77 8.71
N VAL B 31 -22.08 -32.70 9.26
CA VAL B 31 -20.73 -32.75 9.80
C VAL B 31 -20.67 -32.34 11.26
N LEU B 32 -19.82 -33.05 12.01
CA LEU B 32 -19.50 -32.66 13.38
C LEU B 32 -18.07 -32.13 13.50
N ILE B 33 -17.93 -31.03 14.22
CA ILE B 33 -16.63 -30.46 14.51
C ILE B 33 -16.41 -30.49 16.02
N VAL B 34 -15.34 -31.17 16.42
CA VAL B 34 -14.95 -31.25 17.81
C VAL B 34 -13.80 -30.28 18.07
N GLU B 35 -13.97 -29.40 19.04
CA GLU B 35 -12.92 -28.43 19.36
C GLU B 35 -12.59 -28.37 20.85
N LYS B 36 -11.38 -28.83 21.19
CA LYS B 36 -10.78 -28.73 22.51
C LYS B 36 -11.00 -27.35 23.14
N ARG B 37 -10.80 -26.32 22.32
CA ARG B 37 -10.77 -24.96 22.81
C ARG B 37 -12.15 -24.36 22.80
N SER B 38 -12.30 -23.28 23.56
CA SER B 38 -13.60 -22.66 23.76
C SER B 38 -14.01 -21.70 22.63
N HIS B 39 -13.34 -21.75 21.49
CA HIS B 39 -13.69 -20.89 20.36
C HIS B 39 -13.32 -21.53 19.04
N LEU B 40 -13.87 -20.98 17.97
CA LEU B 40 -13.51 -21.37 16.62
C LEU B 40 -12.17 -20.76 16.17
N GLY B 41 -11.62 -21.30 15.09
CA GLY B 41 -10.50 -20.67 14.38
C GLY B 41 -9.08 -21.06 14.71
N GLY B 42 -8.89 -21.73 15.85
CA GLY B 42 -7.56 -22.08 16.28
C GLY B 42 -6.86 -20.81 16.70
N ASN B 43 -5.72 -20.51 16.09
CA ASN B 43 -4.97 -19.36 16.52
C ASN B 43 -5.38 -18.10 15.78
N ALA B 44 -6.09 -18.28 14.68
CA ALA B 44 -6.59 -17.16 13.87
C ALA B 44 -7.55 -16.25 14.67
N TYR B 45 -8.40 -16.87 15.49
CA TYR B 45 -9.37 -16.17 16.33
C TYR B 45 -8.89 -14.87 17.01
N SER B 46 -9.62 -13.80 16.72
CA SER B 46 -9.41 -12.51 17.36
C SER B 46 -10.57 -12.15 18.28
N GLU B 47 -10.36 -11.15 19.13
CA GLU B 47 -11.39 -10.63 20.01
C GLU B 47 -11.04 -9.22 20.49
N ALA B 48 -12.01 -8.50 21.03
CA ALA B 48 -11.77 -7.14 21.45
C ALA B 48 -11.11 -7.11 22.80
N GLU B 49 -10.12 -6.25 22.96
CA GLU B 49 -9.51 -6.09 24.26
C GLU B 49 -10.39 -5.18 25.12
N PRO B 50 -10.96 -5.73 26.19
CA PRO B 50 -11.79 -5.05 27.21
C PRO B 50 -11.60 -3.53 27.31
N GLU B 51 -10.51 -3.09 27.93
CA GLU B 51 -10.29 -1.68 28.26
C GLU B 51 -10.25 -0.73 27.04
N THR B 52 -9.88 -1.21 25.86
CA THR B 52 -9.84 -0.34 24.67
C THR B 52 -10.77 -0.79 23.54
N GLY B 53 -11.17 -2.05 23.57
CA GLY B 53 -12.06 -2.57 22.54
C GLY B 53 -11.39 -2.84 21.21
N ILE B 54 -10.06 -2.69 21.18
CA ILE B 54 -9.29 -2.89 19.95
C ILE B 54 -9.19 -4.37 19.60
N GLU B 55 -9.37 -4.73 18.33
CA GLU B 55 -9.23 -6.13 17.95
C GLU B 55 -7.78 -6.57 18.18
N ILE B 56 -7.61 -7.70 18.86
CA ILE B 56 -6.30 -8.29 19.12
C ILE B 56 -6.36 -9.79 18.81
N HIS B 57 -5.20 -10.40 18.57
CA HIS B 57 -5.08 -11.85 18.49
C HIS B 57 -4.32 -12.28 19.70
N LYS B 58 -4.91 -13.18 20.47
CA LYS B 58 -4.25 -13.57 21.70
C LYS B 58 -3.21 -14.64 21.42
N TYR B 59 -3.24 -15.20 20.21
CA TYR B 59 -2.30 -16.26 19.83
C TYR B 59 -1.51 -15.87 18.58
N GLY B 60 -1.08 -14.61 18.52
CA GLY B 60 -0.25 -14.17 17.41
C GLY B 60 -0.93 -13.45 16.26
N ALA B 61 -0.27 -12.40 15.77
CA ALA B 61 -0.76 -11.63 14.64
C ALA B 61 -0.99 -12.51 13.45
N HIS B 62 -2.16 -12.36 12.82
CA HIS B 62 -2.45 -13.05 11.57
C HIS B 62 -2.67 -12.06 10.43
N LEU B 63 -1.93 -12.29 9.36
CA LEU B 63 -1.99 -11.46 8.18
C LEU B 63 -2.44 -12.30 6.99
N PHE B 64 -3.59 -12.01 6.40
CA PHE B 64 -3.96 -12.78 5.20
C PHE B 64 -3.32 -12.26 3.92
N HIS B 65 -2.85 -13.19 3.09
CA HIS B 65 -2.24 -12.88 1.81
C HIS B 65 -2.14 -14.15 1.01
N THR B 66 -2.43 -14.07 -0.28
CA THR B 66 -2.32 -15.23 -1.15
C THR B 66 -2.31 -14.81 -2.61
N SER B 67 -1.81 -15.70 -3.45
CA SER B 67 -1.85 -15.52 -4.89
C SER B 67 -2.63 -16.67 -5.56
N ASN B 68 -3.48 -17.32 -4.77
CA ASN B 68 -4.37 -18.36 -5.26
C ASN B 68 -5.76 -17.74 -5.39
N LYS B 69 -6.25 -17.49 -6.61
CA LYS B 69 -7.49 -16.73 -6.74
C LYS B 69 -8.65 -17.54 -6.17
N ARG B 70 -8.62 -18.85 -6.41
CA ARG B 70 -9.58 -19.78 -5.86
C ARG B 70 -9.73 -19.59 -4.35
N VAL B 71 -8.60 -19.61 -3.66
CA VAL B 71 -8.57 -19.41 -2.21
C VAL B 71 -9.06 -18.02 -1.84
N TRP B 72 -8.63 -17.03 -2.62
CA TRP B 72 -9.07 -15.64 -2.46
C TRP B 72 -10.60 -15.53 -2.55
N ASP B 73 -11.14 -16.09 -3.65
CA ASP B 73 -12.60 -16.12 -3.89
C ASP B 73 -13.31 -16.83 -2.72
N TYR B 74 -12.99 -18.11 -2.56
CA TYR B 74 -13.51 -18.92 -1.47
C TYR B 74 -13.52 -18.14 -0.18
N VAL B 75 -12.40 -17.52 0.14
CA VAL B 75 -12.24 -16.85 1.41
C VAL B 75 -13.18 -15.61 1.53
N ASN B 76 -13.46 -14.97 0.40
CA ASN B 76 -14.32 -13.79 0.46
C ASN B 76 -15.79 -14.17 0.63
N GLN B 77 -16.13 -15.41 0.29
CA GLN B 77 -17.49 -15.90 0.46
C GLN B 77 -17.93 -15.77 1.92
N PHE B 78 -16.96 -15.68 2.82
CA PHE B 78 -17.25 -15.71 4.26
C PHE B 78 -16.87 -14.42 4.96
N THR B 79 -16.13 -13.56 4.27
CA THR B 79 -15.81 -12.24 4.81
C THR B 79 -15.25 -11.28 3.76
N ALA B 80 -15.10 -10.01 4.16
CA ALA B 80 -14.50 -8.99 3.32
C ALA B 80 -13.21 -8.42 3.93
N PHE B 81 -12.31 -7.97 3.06
CA PHE B 81 -10.99 -7.54 3.48
C PHE B 81 -10.67 -6.07 3.30
N THR B 82 -9.93 -5.53 4.26
CA THR B 82 -9.46 -4.18 4.16
C THR B 82 -8.39 -4.10 3.08
N GLY B 83 -7.88 -2.90 2.85
CA GLY B 83 -6.83 -2.72 1.87
C GLY B 83 -5.45 -3.01 2.44
N TYR B 84 -5.39 -3.09 3.77
CA TYR B 84 -4.15 -3.25 4.53
C TYR B 84 -3.03 -3.95 3.78
N GLN B 85 -1.86 -3.32 3.80
CA GLN B 85 -0.62 -3.92 3.31
C GLN B 85 0.37 -4.03 4.47
N HIS B 86 0.92 -5.21 4.65
CA HIS B 86 1.79 -5.42 5.78
C HIS B 86 3.15 -4.76 5.53
N ARG B 87 3.60 -4.00 6.52
CA ARG B 87 4.94 -3.43 6.49
C ARG B 87 5.62 -3.62 7.85
N VAL B 88 6.92 -3.92 7.83
CA VAL B 88 7.63 -4.25 9.06
C VAL B 88 8.81 -3.33 9.22
N PHE B 89 9.13 -2.99 10.46
CA PHE B 89 10.36 -2.28 10.77
C PHE B 89 11.21 -3.09 11.73
N ALA B 90 12.52 -2.91 11.61
CA ALA B 90 13.49 -3.71 12.34
C ALA B 90 14.34 -2.85 13.27
N MET B 91 14.17 -3.02 14.57
CA MET B 91 14.90 -2.22 15.56
C MET B 91 16.29 -2.81 15.78
N HIS B 92 17.34 -2.03 15.52
CA HIS B 92 18.72 -2.47 15.72
C HIS B 92 19.61 -1.32 16.20
N ASN B 93 20.23 -1.53 17.35
CA ASN B 93 21.01 -0.48 18.00
C ASN B 93 20.28 0.85 18.03
N GLY B 94 19.00 0.80 18.37
CA GLY B 94 18.22 2.00 18.64
C GLY B 94 17.74 2.78 17.42
N THR B 95 17.82 2.16 16.25
CA THR B 95 17.30 2.74 15.03
C THR B 95 16.25 1.79 14.45
N ALA B 96 15.09 2.32 14.07
CA ALA B 96 14.15 1.50 13.34
C ALA B 96 14.63 1.48 11.90
N TYR B 97 14.76 0.31 11.31
CA TYR B 97 15.23 0.20 9.94
C TYR B 97 14.08 -0.18 9.01
N GLN B 98 14.10 0.39 7.81
CA GLN B 98 13.18 -0.05 6.77
C GLN B 98 13.46 -1.53 6.56
N PHE B 99 12.43 -2.34 6.37
CA PHE B 99 12.70 -3.74 6.35
C PHE B 99 11.98 -4.45 5.20
N PRO B 100 12.37 -5.72 4.98
CA PRO B 100 13.15 -6.44 4.01
C PRO B 100 14.38 -5.62 3.65
N MET B 101 15.53 -6.25 3.62
CA MET B 101 16.75 -5.56 3.24
C MET B 101 16.62 -5.05 1.81
N GLY B 102 16.86 -3.77 1.64
CA GLY B 102 16.73 -3.13 0.35
C GLY B 102 17.43 -1.78 0.38
N LEU B 103 17.13 -0.92 -0.59
CA LEU B 103 17.87 0.32 -0.72
C LEU B 103 17.76 1.16 0.53
N GLY B 104 16.60 1.05 1.20
CA GLY B 104 16.33 1.82 2.40
C GLY B 104 17.21 1.42 3.55
N LEU B 105 17.19 0.13 3.86
CA LEU B 105 18.01 -0.38 4.93
C LEU B 105 19.47 -0.10 4.62
N ILE B 106 19.86 -0.36 3.38
CA ILE B 106 21.23 -0.18 2.98
C ILE B 106 21.65 1.26 3.25
N ASN B 107 20.77 2.21 2.93
CA ASN B 107 21.12 3.60 3.10
C ASN B 107 21.26 3.92 4.59
N GLN B 108 20.38 3.35 5.41
CA GLN B 108 20.40 3.68 6.82
C GLN B 108 21.63 3.07 7.48
N PHE B 109 21.91 1.84 7.08
CA PHE B 109 22.99 1.04 7.61
C PHE B 109 24.40 1.50 7.18
N PHE B 110 24.59 1.73 5.88
CA PHE B 110 25.92 2.02 5.32
C PHE B 110 26.20 3.51 5.24
N GLY B 111 25.15 4.32 5.38
CA GLY B 111 25.32 5.73 5.71
C GLY B 111 25.12 6.71 4.57
N ARG B 112 24.82 6.20 3.40
CA ARG B 112 24.67 7.03 2.22
C ARG B 112 23.81 6.29 1.19
N TYR B 113 23.21 7.01 0.25
CA TYR B 113 22.37 6.35 -0.74
C TYR B 113 23.13 5.60 -1.81
N TYR B 114 22.84 4.31 -1.93
CA TYR B 114 23.27 3.50 -3.08
C TYR B 114 22.14 3.31 -4.08
N THR B 115 22.43 3.57 -5.34
CA THR B 115 21.54 3.17 -6.43
C THR B 115 21.31 1.65 -6.48
N PRO B 116 20.30 1.19 -7.25
CA PRO B 116 20.18 -0.27 -7.45
C PRO B 116 21.49 -0.94 -7.91
N ASP B 117 22.18 -0.39 -8.90
CA ASP B 117 23.45 -1.00 -9.33
C ASP B 117 24.52 -0.94 -8.24
N GLU B 118 24.75 0.24 -7.67
CA GLU B 118 25.72 0.39 -6.59
C GLU B 118 25.45 -0.60 -5.44
N ALA B 119 24.19 -0.82 -5.12
CA ALA B 119 23.80 -1.69 -4.02
C ALA B 119 24.18 -3.13 -4.30
N ARG B 120 23.94 -3.54 -5.54
CA ARG B 120 24.29 -4.89 -5.98
C ARG B 120 25.81 -5.09 -5.87
N GLU B 121 26.58 -4.07 -6.24
CA GLU B 121 28.02 -4.13 -6.05
C GLU B 121 28.35 -4.33 -4.58
N LEU B 122 27.84 -3.43 -3.75
CA LEU B 122 28.09 -3.47 -2.32
C LEU B 122 27.82 -4.85 -1.70
N ILE B 123 26.66 -5.42 -1.99
CA ILE B 123 26.33 -6.72 -1.42
C ILE B 123 27.25 -7.82 -1.93
N LYS B 124 27.57 -7.79 -3.23
CA LYS B 124 28.48 -8.77 -3.81
C LYS B 124 29.81 -8.73 -3.09
N GLU B 125 30.42 -7.55 -3.07
CA GLU B 125 31.68 -7.34 -2.39
C GLU B 125 31.68 -7.81 -0.93
N GLN B 126 30.62 -7.54 -0.18
CA GLN B 126 30.56 -7.91 1.24
C GLN B 126 30.35 -9.40 1.48
N SER B 127 29.73 -10.09 0.54
CA SER B 127 29.46 -11.51 0.70
C SER B 127 30.50 -12.32 -0.07
N ALA B 128 31.53 -11.63 -0.55
CA ALA B 128 32.62 -12.32 -1.25
C ALA B 128 33.42 -13.15 -0.27
N GLU B 129 33.41 -12.73 1.00
CA GLU B 129 34.18 -13.35 2.09
C GLU B 129 33.99 -14.87 2.24
N ILE B 130 32.80 -15.38 1.95
CA ILE B 130 32.60 -16.82 1.93
C ILE B 130 31.92 -17.20 0.62
N ASP B 131 32.42 -18.23 -0.06
CA ASP B 131 31.78 -18.71 -1.27
C ASP B 131 30.70 -19.73 -0.89
N SER B 132 29.59 -19.71 -1.62
CA SER B 132 28.38 -20.42 -1.21
C SER B 132 28.57 -21.92 -0.93
N LYS B 133 29.24 -22.65 -1.81
CA LYS B 133 29.37 -24.08 -1.57
C LYS B 133 30.56 -24.37 -0.63
N ASP B 134 31.25 -23.34 -0.14
CA ASP B 134 31.98 -23.53 1.11
C ASP B 134 30.92 -23.55 2.22
N ALA B 135 31.20 -22.93 3.36
CA ALA B 135 30.15 -22.68 4.34
C ALA B 135 29.62 -23.94 5.02
N THR B 136 30.22 -24.25 6.17
CA THR B 136 29.79 -25.35 7.03
C THR B 136 28.33 -25.28 7.43
N ASN B 137 27.98 -24.14 8.01
CA ASN B 137 26.75 -23.98 8.75
C ASN B 137 25.83 -22.93 8.13
N LEU B 138 24.67 -22.75 8.74
CA LEU B 138 23.74 -21.72 8.32
C LEU B 138 24.36 -20.32 8.45
N GLU B 139 25.05 -20.05 9.56
CA GLU B 139 25.69 -18.77 9.76
C GLU B 139 26.59 -18.42 8.59
N GLU B 140 27.46 -19.35 8.19
CA GLU B 140 28.35 -19.11 7.08
C GLU B 140 27.59 -18.95 5.78
N LYS B 141 26.53 -19.72 5.62
CA LYS B 141 25.73 -19.63 4.40
C LYS B 141 25.15 -18.23 4.25
N ALA B 142 24.53 -17.75 5.32
CA ALA B 142 24.00 -16.38 5.37
C ALA B 142 25.06 -15.34 4.96
N ILE B 143 26.20 -15.36 5.65
CA ILE B 143 27.29 -14.44 5.36
C ILE B 143 27.66 -14.50 3.89
N SER B 144 27.72 -15.73 3.38
CA SER B 144 27.96 -15.99 1.98
C SER B 144 27.00 -15.25 1.04
N LEU B 145 25.82 -14.91 1.55
CA LEU B 145 24.77 -14.37 0.70
C LEU B 145 24.58 -12.87 0.86
N ILE B 146 24.85 -12.34 2.05
CA ILE B 146 24.60 -10.93 2.29
C ILE B 146 25.71 -10.19 3.01
N GLY B 147 26.85 -10.85 3.25
CA GLY B 147 27.92 -10.20 4.01
C GLY B 147 27.81 -10.34 5.53
N ARG B 148 28.93 -10.18 6.21
CA ARG B 148 28.94 -10.40 7.65
C ARG B 148 28.27 -9.25 8.45
N PRO B 149 28.53 -7.98 8.09
CA PRO B 149 27.90 -6.91 8.87
C PRO B 149 26.36 -6.97 8.91
N LEU B 150 25.73 -7.22 7.76
CA LEU B 150 24.28 -7.35 7.71
C LEU B 150 23.83 -8.57 8.45
N TYR B 151 24.58 -9.66 8.31
CA TYR B 151 24.19 -10.89 8.96
C TYR B 151 24.18 -10.70 10.48
N GLU B 152 25.19 -10.02 11.01
CA GLU B 152 25.26 -9.92 12.46
C GLU B 152 24.25 -8.92 13.01
N ALA B 153 23.95 -7.88 12.23
CA ALA B 153 23.04 -6.84 12.67
C ALA B 153 21.59 -7.35 12.70
N PHE B 154 21.19 -8.05 11.64
CA PHE B 154 19.77 -8.31 11.42
C PHE B 154 19.35 -9.77 11.48
N ILE B 155 20.29 -10.70 11.31
CA ILE B 155 19.93 -12.11 11.23
C ILE B 155 20.32 -12.89 12.47
N ARG B 156 21.61 -12.87 12.78
CA ARG B 156 22.17 -13.69 13.82
C ARG B 156 21.38 -13.78 15.13
N ASP B 157 21.32 -12.68 15.88
CA ASP B 157 20.68 -12.73 17.19
C ASP B 157 19.18 -13.01 17.08
N TYR B 158 18.57 -12.50 16.03
CA TYR B 158 17.13 -12.64 15.86
C TYR B 158 16.76 -14.10 15.61
N THR B 159 17.52 -14.76 14.72
CA THR B 159 17.44 -16.21 14.51
C THR B 159 17.63 -16.98 15.81
N ALA B 160 18.67 -16.61 16.53
CA ALA B 160 19.03 -17.23 17.78
C ALA B 160 17.91 -17.11 18.81
N LYS B 161 17.16 -16.03 18.72
CA LYS B 161 16.06 -15.76 19.64
C LYS B 161 14.85 -16.67 19.37
N GLN B 162 14.60 -16.94 18.10
CA GLN B 162 13.41 -17.66 17.67
C GLN B 162 13.60 -19.15 17.78
N TRP B 163 14.82 -19.60 17.58
CA TRP B 163 15.08 -21.04 17.52
C TRP B 163 15.82 -21.53 18.74
N GLN B 164 16.43 -20.61 19.48
CA GLN B 164 17.24 -20.94 20.63
C GLN B 164 18.31 -21.96 20.21
N THR B 165 19.03 -21.64 19.15
CA THR B 165 20.19 -22.45 18.72
C THR B 165 21.25 -21.52 18.17
N ASP B 166 22.50 -21.96 18.21
CA ASP B 166 23.56 -21.22 17.55
C ASP B 166 23.44 -21.49 16.05
N PRO B 167 23.28 -20.42 15.26
CA PRO B 167 23.18 -20.53 13.79
C PRO B 167 24.38 -21.27 13.21
N LYS B 168 25.53 -21.17 13.88
CA LYS B 168 26.75 -21.77 13.37
C LYS B 168 26.78 -23.25 13.74
N GLU B 169 25.72 -23.71 14.40
CA GLU B 169 25.50 -25.15 14.54
C GLU B 169 24.10 -25.52 14.03
N LEU B 170 23.61 -24.75 13.06
CA LEU B 170 22.52 -25.18 12.16
C LEU B 170 23.14 -25.54 10.83
N PRO B 171 22.56 -26.49 10.10
CA PRO B 171 23.22 -26.85 8.84
C PRO B 171 23.07 -25.77 7.77
N ALA B 172 24.05 -25.70 6.89
CA ALA B 172 24.07 -24.72 5.82
C ALA B 172 22.86 -24.88 4.90
N GLY B 173 22.38 -26.11 4.79
CA GLY B 173 21.25 -26.42 3.92
C GLY B 173 20.01 -25.62 4.23
N ASN B 174 19.86 -25.20 5.48
CA ASN B 174 18.66 -24.48 5.94
C ASN B 174 18.39 -23.15 5.24
N ILE B 175 19.42 -22.59 4.60
CA ILE B 175 19.27 -21.36 3.85
C ILE B 175 19.72 -21.59 2.42
N THR B 176 18.83 -21.31 1.47
CA THR B 176 19.20 -21.39 0.07
C THR B 176 19.36 -19.98 -0.52
N ARG B 177 18.27 -19.21 -0.46
CA ARG B 177 18.22 -17.84 -0.95
C ARG B 177 18.10 -16.92 0.24
N LEU B 178 18.82 -15.80 0.21
CA LEU B 178 18.64 -14.74 1.21
C LEU B 178 18.49 -13.42 0.45
N PRO B 179 17.26 -13.11 0.02
CA PRO B 179 17.07 -12.02 -0.93
C PRO B 179 17.31 -10.65 -0.31
N VAL B 180 18.04 -9.83 -1.04
CA VAL B 180 18.10 -8.40 -0.75
C VAL B 180 17.40 -7.67 -1.90
N ARG B 181 16.46 -6.78 -1.60
CA ARG B 181 15.75 -6.05 -2.66
C ARG B 181 16.57 -4.88 -3.17
N TYR B 182 16.76 -4.78 -4.48
CA TYR B 182 17.58 -3.70 -5.00
C TYR B 182 16.73 -2.57 -5.50
N ASN B 183 15.67 -2.28 -4.73
CA ASN B 183 14.84 -1.10 -4.90
C ASN B 183 14.30 -0.69 -3.54
N PHE B 184 13.23 0.11 -3.53
CA PHE B 184 12.70 0.70 -2.31
C PHE B 184 11.36 0.12 -1.89
N ASP B 185 10.93 -0.90 -2.61
CA ASP B 185 9.73 -1.62 -2.24
C ASP B 185 9.89 -2.27 -0.87
N ASN B 186 9.13 -1.83 0.12
CA ASN B 186 9.14 -2.52 1.42
C ASN B 186 7.79 -3.12 1.76
N ARG B 187 6.99 -3.39 0.73
CA ARG B 187 5.78 -4.15 0.94
C ARG B 187 6.23 -5.55 1.34
N TYR B 188 5.94 -5.90 2.58
CA TYR B 188 6.42 -7.15 3.18
C TYR B 188 6.05 -8.40 2.40
N PHE B 189 4.77 -8.60 2.08
CA PHE B 189 4.38 -9.73 1.22
C PHE B 189 4.34 -9.27 -0.20
N ASN B 190 4.62 -10.18 -1.12
CA ASN B 190 4.41 -9.90 -2.53
C ASN B 190 3.31 -10.79 -3.12
N ASP B 191 2.31 -11.14 -2.32
CA ASP B 191 1.18 -11.90 -2.84
C ASP B 191 0.24 -10.94 -3.52
N THR B 192 -0.51 -11.46 -4.48
CA THR B 192 -1.50 -10.70 -5.24
C THR B 192 -2.61 -10.07 -4.39
N TYR B 193 -3.24 -10.88 -3.55
CA TYR B 193 -4.33 -10.40 -2.72
C TYR B 193 -3.88 -10.31 -1.30
N GLU B 194 -4.38 -9.32 -0.59
CA GLU B 194 -3.94 -9.11 0.77
C GLU B 194 -4.89 -8.17 1.50
N GLY B 195 -5.22 -8.54 2.73
CA GLY B 195 -5.99 -7.67 3.60
C GLY B 195 -6.28 -8.30 4.95
N LEU B 196 -6.93 -7.53 5.81
CA LEU B 196 -7.46 -8.04 7.05
C LEU B 196 -9.00 -8.04 6.98
N PRO B 197 -9.65 -9.00 7.66
CA PRO B 197 -11.12 -9.07 7.73
C PRO B 197 -11.74 -7.80 8.30
N VAL B 198 -12.68 -7.14 7.60
CA VAL B 198 -13.14 -5.82 8.05
C VAL B 198 -13.75 -5.84 9.44
N ASP B 199 -14.73 -6.72 9.62
CA ASP B 199 -15.16 -7.16 10.95
C ASP B 199 -14.32 -8.39 11.21
N GLY B 200 -13.67 -8.43 12.38
CA GLY B 200 -12.52 -9.29 12.63
C GLY B 200 -12.48 -10.74 12.18
N TYR B 201 -11.46 -11.45 12.64
CA TYR B 201 -11.33 -12.86 12.30
C TYR B 201 -12.43 -13.69 12.97
N ALA B 202 -12.75 -13.33 14.21
CA ALA B 202 -13.80 -14.02 14.96
C ALA B 202 -15.07 -14.14 14.11
N GLN B 203 -15.54 -13.02 13.58
CA GLN B 203 -16.69 -13.04 12.70
C GLN B 203 -16.47 -13.98 11.54
N TRP B 204 -15.45 -13.71 10.73
CA TRP B 204 -15.13 -14.53 9.55
C TRP B 204 -15.21 -16.00 9.86
N LEU B 205 -14.67 -16.40 11.00
CA LEU B 205 -14.62 -17.82 11.35
C LEU B 205 -16.02 -18.40 11.58
N SER B 206 -16.85 -17.65 12.32
CA SER B 206 -18.24 -18.05 12.57
C SER B 206 -18.97 -18.41 11.28
N ASN B 207 -18.88 -17.53 10.29
CA ASN B 207 -19.64 -17.70 9.06
C ASN B 207 -19.13 -18.87 8.24
N MET B 208 -17.90 -19.26 8.49
CA MET B 208 -17.37 -20.46 7.85
C MET B 208 -18.11 -21.68 8.36
N ALA B 209 -18.25 -21.73 9.69
CA ALA B 209 -19.00 -22.74 10.40
C ALA B 209 -20.49 -22.65 10.06
N ASP B 210 -21.14 -21.61 10.62
CA ASP B 210 -22.56 -21.28 10.40
C ASP B 210 -23.22 -21.75 9.08
N HIS B 211 -23.58 -23.03 9.05
CA HIS B 211 -24.28 -23.69 7.95
C HIS B 211 -25.26 -24.68 8.61
N GLU B 212 -26.11 -25.33 7.83
CA GLU B 212 -27.08 -26.24 8.45
C GLU B 212 -26.47 -27.62 8.76
N ASN B 213 -25.79 -28.22 7.79
CA ASN B 213 -25.15 -29.53 7.98
C ASN B 213 -23.90 -29.48 8.86
N ILE B 214 -23.70 -28.36 9.54
CA ILE B 214 -22.51 -28.17 10.36
C ILE B 214 -22.91 -27.88 11.80
N GLU B 215 -22.68 -28.86 12.67
CA GLU B 215 -22.85 -28.60 14.10
C GLU B 215 -21.49 -28.79 14.77
N VAL B 216 -21.23 -27.98 15.79
CA VAL B 216 -19.90 -27.88 16.37
C VAL B 216 -19.91 -27.87 17.90
N ARG B 217 -19.16 -28.79 18.48
CA ARG B 217 -19.04 -28.87 19.93
C ARG B 217 -17.72 -28.27 20.41
N LEU B 218 -17.81 -27.10 21.02
CA LEU B 218 -16.66 -26.43 21.60
C LEU B 218 -16.35 -27.05 22.96
N ASP B 219 -15.18 -26.70 23.52
CA ASP B 219 -14.68 -27.31 24.75
C ASP B 219 -14.91 -28.81 24.79
N THR B 220 -14.53 -29.49 23.71
CA THR B 220 -14.71 -30.94 23.58
C THR B 220 -13.47 -31.64 23.01
N ASP B 221 -12.81 -32.45 23.84
CA ASP B 221 -11.64 -33.21 23.41
C ASP B 221 -12.01 -34.46 22.61
N TRP B 222 -11.40 -34.64 21.44
CA TRP B 222 -11.72 -35.75 20.55
C TRP B 222 -11.49 -37.08 21.22
N PHE B 223 -10.42 -37.16 22.00
CA PHE B 223 -10.04 -38.42 22.59
C PHE B 223 -10.95 -38.79 23.77
N GLU B 224 -11.48 -37.79 24.44
CA GLU B 224 -12.40 -38.04 25.55
C GLU B 224 -13.77 -38.56 25.11
N VAL B 225 -14.05 -38.55 23.81
CA VAL B 225 -15.40 -38.85 23.33
C VAL B 225 -15.45 -39.69 22.06
N ARG B 226 -14.28 -39.95 21.47
CA ARG B 226 -14.24 -40.56 20.14
C ARG B 226 -14.81 -41.97 20.09
N GLU B 227 -14.79 -42.67 21.22
CA GLU B 227 -15.28 -44.04 21.23
C GLU B 227 -16.79 -44.06 20.99
N ASP B 228 -17.52 -43.23 21.73
CA ASP B 228 -18.95 -43.02 21.51
C ASP B 228 -19.26 -42.64 20.08
N LEU B 229 -18.73 -41.47 19.68
CA LEU B 229 -19.07 -40.88 18.39
C LEU B 229 -18.76 -41.82 17.24
N ARG B 230 -17.64 -42.52 17.31
CA ARG B 230 -17.27 -43.49 16.28
C ARG B 230 -18.20 -44.70 16.32
N ALA B 231 -18.76 -44.99 17.49
CA ALA B 231 -19.73 -46.07 17.61
C ALA B 231 -21.02 -45.76 16.91
N GLN B 232 -21.63 -44.63 17.27
CA GLN B 232 -22.91 -44.20 16.70
C GLN B 232 -22.83 -43.91 15.19
N ASN B 233 -21.75 -43.30 14.79
CA ASN B 233 -21.47 -42.72 13.47
C ASN B 233 -20.31 -43.45 12.79
N PRO B 234 -20.51 -44.74 12.56
CA PRO B 234 -19.41 -45.69 12.47
C PRO B 234 -18.86 -45.93 11.06
N GLU B 235 -19.36 -45.24 10.05
CA GLU B 235 -18.69 -45.30 8.75
C GLU B 235 -18.26 -43.91 8.29
N ALA B 236 -18.53 -42.93 9.15
CA ALA B 236 -18.17 -41.52 8.94
C ALA B 236 -16.68 -41.32 9.13
N PRO B 237 -15.97 -41.04 8.02
CA PRO B 237 -14.53 -40.88 8.22
C PRO B 237 -14.21 -39.63 9.05
N VAL B 238 -13.03 -39.64 9.66
CA VAL B 238 -12.59 -38.55 10.51
C VAL B 238 -11.51 -37.75 9.81
N VAL B 239 -11.63 -36.43 9.89
CA VAL B 239 -10.54 -35.55 9.53
C VAL B 239 -9.91 -35.04 10.82
N TYR B 240 -8.71 -35.54 11.07
CA TYR B 240 -7.95 -35.22 12.27
C TYR B 240 -6.93 -34.12 11.99
N THR B 241 -7.03 -33.01 12.72
CA THR B 241 -6.09 -31.91 12.55
C THR B 241 -5.36 -31.62 13.85
N GLY B 242 -5.56 -32.48 14.85
CA GLY B 242 -4.82 -32.38 16.10
C GLY B 242 -3.39 -32.86 15.90
N PRO B 243 -2.58 -32.79 16.95
CA PRO B 243 -1.18 -33.23 16.89
C PRO B 243 -1.04 -34.66 16.41
N LEU B 244 -0.18 -34.86 15.41
CA LEU B 244 0.04 -36.16 14.82
C LEU B 244 0.64 -37.16 15.83
N ASP B 245 1.53 -36.68 16.70
CA ASP B 245 2.19 -37.54 17.67
C ASP B 245 1.33 -37.88 18.90
N ARG B 246 0.52 -36.94 19.38
CA ARG B 246 -0.39 -37.23 20.49
C ARG B 246 -1.48 -38.24 20.08
N TYR B 247 -1.73 -38.36 18.78
CA TYR B 247 -2.76 -39.29 18.33
C TYR B 247 -2.32 -40.70 18.65
N PHE B 248 -1.11 -41.00 18.22
CA PHE B 248 -0.52 -42.28 18.52
C PHE B 248 0.24 -42.23 19.85
N ASP B 249 -0.38 -41.59 20.85
CA ASP B 249 0.11 -41.51 22.24
C ASP B 249 1.61 -41.33 22.41
N TYR B 250 2.22 -40.49 21.57
CA TYR B 250 3.64 -40.20 21.65
C TYR B 250 4.51 -41.47 21.63
N SER B 251 3.97 -42.53 21.03
CA SER B 251 4.63 -43.83 21.03
C SER B 251 6.03 -43.81 20.40
N GLU B 252 6.28 -42.91 19.48
CA GLU B 252 7.59 -42.82 18.82
C GLU B 252 8.35 -41.57 19.24
N GLY B 253 7.89 -40.92 20.32
CA GLY B 253 8.50 -39.69 20.79
C GLY B 253 7.60 -38.45 20.69
N HIS B 254 8.06 -37.37 21.30
CA HIS B 254 7.38 -36.09 21.20
C HIS B 254 7.98 -35.24 20.08
N LEU B 255 7.16 -34.79 19.13
CA LEU B 255 7.66 -33.91 18.08
C LEU B 255 8.01 -32.52 18.60
N GLY B 256 9.19 -32.01 18.23
CA GLY B 256 9.62 -30.71 18.68
C GLY B 256 8.99 -29.54 17.96
N TRP B 257 8.35 -28.65 18.74
CA TRP B 257 7.67 -27.44 18.23
C TRP B 257 8.15 -26.17 18.94
N ARG B 258 8.13 -25.04 18.23
CA ARG B 258 8.27 -23.74 18.89
C ARG B 258 6.90 -23.27 19.35
N THR B 259 6.85 -22.54 20.45
CA THR B 259 5.64 -21.87 20.87
C THR B 259 5.96 -20.41 21.14
N LEU B 260 4.94 -19.56 21.13
CA LEU B 260 5.16 -18.16 21.42
C LEU B 260 4.34 -17.73 22.62
N ASP B 261 4.94 -16.90 23.46
CA ASP B 261 4.26 -16.31 24.61
C ASP B 261 4.02 -14.85 24.32
N PHE B 262 2.88 -14.35 24.76
CA PHE B 262 2.50 -12.97 24.52
C PHE B 262 2.14 -12.20 25.79
N GLU B 263 3.05 -11.37 26.25
CA GLU B 263 2.78 -10.42 27.32
C GLU B 263 1.98 -9.19 26.79
N THR B 264 0.73 -9.06 27.21
CA THR B 264 -0.12 -7.94 26.80
C THR B 264 -0.03 -6.72 27.73
N GLU B 265 0.13 -5.53 27.14
CA GLU B 265 0.07 -4.28 27.89
C GLU B 265 -0.89 -3.28 27.26
N VAL B 266 -1.76 -2.69 28.08
CA VAL B 266 -2.58 -1.56 27.64
C VAL B 266 -1.90 -0.30 28.17
N LEU B 267 -1.68 0.69 27.31
CA LEU B 267 -0.91 1.86 27.76
C LEU B 267 -1.69 3.14 27.72
N ASN B 268 -1.18 4.13 28.43
CA ASN B 268 -1.79 5.45 28.51
C ASN B 268 -1.20 6.33 27.43
N THR B 269 -1.47 5.96 26.19
CA THR B 269 -0.92 6.66 25.04
C THR B 269 -1.67 6.13 23.83
N GLY B 270 -1.94 7.00 22.88
CA GLY B 270 -2.66 6.57 21.69
C GLY B 270 -1.78 5.89 20.65
N ASP B 271 -0.47 6.07 20.79
CA ASP B 271 0.48 5.46 19.86
C ASP B 271 1.80 5.12 20.54
N PHE B 272 2.08 3.81 20.64
CA PHE B 272 3.29 3.36 21.29
C PHE B 272 4.51 3.38 20.37
N GLN B 273 4.35 2.86 19.14
CA GLN B 273 5.46 2.73 18.20
C GLN B 273 5.12 3.13 16.73
N GLY B 274 3.91 3.60 16.49
CA GLY B 274 3.59 4.20 15.21
C GLY B 274 3.55 3.30 13.98
N THR B 275 3.48 1.99 14.20
CA THR B 275 3.46 0.98 13.14
C THR B 275 3.02 -0.35 13.78
N PRO B 276 2.39 -1.26 13.00
CA PRO B 276 1.82 -2.48 13.58
C PRO B 276 2.84 -3.40 14.25
N VAL B 277 3.97 -3.63 13.58
CA VAL B 277 4.95 -4.59 14.07
C VAL B 277 6.37 -4.06 14.02
N MET B 278 7.03 -4.07 15.18
CA MET B 278 8.45 -3.75 15.27
C MET B 278 9.23 -4.99 15.70
N ASN B 279 10.06 -5.51 14.80
CA ASN B 279 10.99 -6.58 15.16
C ASN B 279 12.09 -6.01 16.05
N TYR B 280 12.55 -6.81 17.01
CA TYR B 280 13.73 -6.45 17.77
C TYR B 280 14.87 -7.43 17.45
N ASN B 281 15.84 -6.96 16.67
CA ASN B 281 16.86 -7.85 16.11
C ASN B 281 18.02 -8.11 17.05
N ASP B 282 18.05 -7.36 18.14
CA ASP B 282 19.19 -7.34 19.03
C ASP B 282 18.99 -8.29 20.20
N ALA B 283 20.09 -8.71 20.82
CA ALA B 283 20.06 -9.72 21.87
C ALA B 283 19.56 -9.21 23.22
N GLU B 284 19.76 -7.92 23.52
CA GLU B 284 19.37 -7.34 24.81
C GLU B 284 17.87 -7.35 25.04
N PHE B 285 17.11 -7.71 24.01
CA PHE B 285 15.66 -7.74 24.14
C PHE B 285 15.21 -9.16 24.06
N PRO B 286 14.62 -9.64 25.15
CA PRO B 286 14.08 -11.00 25.32
C PRO B 286 13.00 -11.34 24.30
N TYR B 287 12.19 -10.35 23.92
CA TYR B 287 11.10 -10.55 22.95
C TYR B 287 11.60 -10.41 21.51
N THR B 288 10.93 -11.09 20.57
CA THR B 288 11.33 -11.07 19.16
C THR B 288 10.73 -9.87 18.41
N ARG B 289 9.65 -9.31 18.96
CA ARG B 289 8.65 -8.59 18.20
C ARG B 289 7.64 -7.87 19.11
N ILE B 290 7.27 -6.65 18.78
CA ILE B 290 6.16 -5.99 19.48
C ILE B 290 5.02 -5.67 18.50
N HIS B 291 3.81 -6.08 18.84
CA HIS B 291 2.65 -5.78 18.01
C HIS B 291 1.80 -4.69 18.67
N GLU B 292 1.50 -3.63 17.94
CA GLU B 292 0.56 -2.61 18.39
C GLU B 292 -0.68 -2.72 17.51
N PHE B 293 -1.77 -3.24 18.07
CA PHE B 293 -2.87 -3.75 17.24
C PHE B 293 -3.77 -2.70 16.57
N ARG B 294 -3.82 -1.49 17.12
CA ARG B 294 -4.63 -0.42 16.52
C ARG B 294 -4.19 -0.14 15.08
N HIS B 295 -2.91 -0.34 14.78
CA HIS B 295 -2.40 -0.07 13.42
C HIS B 295 -2.71 -1.18 12.42
N PHE B 296 -3.29 -2.27 12.89
CA PHE B 296 -3.75 -3.28 11.95
C PHE B 296 -5.04 -2.80 11.28
N HIS B 297 -5.78 -1.96 12.01
CA HIS B 297 -7.06 -1.43 11.53
C HIS B 297 -7.16 0.10 11.69
N PRO B 298 -6.49 0.82 10.78
CA PRO B 298 -6.46 2.29 10.84
C PRO B 298 -7.82 2.90 10.46
N GLU B 299 -8.63 2.13 9.71
CA GLU B 299 -9.95 2.61 9.31
C GLU B 299 -10.92 2.68 10.50
N ARG B 300 -10.48 2.24 11.68
CA ARG B 300 -11.33 2.38 12.86
C ARG B 300 -10.75 3.35 13.85
N GLU B 301 -9.95 4.30 13.38
N GLU B 301 -9.93 4.30 13.42
CA GLU B 301 -9.28 5.26 14.26
CA GLU B 301 -9.26 5.16 14.40
C GLU B 301 -10.27 5.95 15.19
C GLU B 301 -10.27 6.00 15.20
N ASP B 302 -11.51 6.04 14.74
CA ASP B 302 -12.58 6.68 15.48
C ASP B 302 -13.05 5.82 16.65
N ARG B 303 -13.48 4.60 16.36
CA ARG B 303 -13.89 3.66 17.40
C ARG B 303 -12.74 3.43 18.41
N HIS B 304 -11.49 3.61 17.98
CA HIS B 304 -10.34 3.43 18.87
C HIS B 304 -10.26 4.55 19.88
N PRO B 305 -9.76 4.26 21.09
CA PRO B 305 -9.44 5.33 22.05
C PRO B 305 -8.37 6.22 21.47
N LYS B 306 -8.12 7.38 22.07
CA LYS B 306 -7.12 8.26 21.49
C LYS B 306 -6.07 8.60 22.53
N ASP B 307 -6.17 8.02 23.71
CA ASP B 307 -5.08 8.07 24.68
C ASP B 307 -4.81 6.69 25.30
N LYS B 308 -5.20 5.65 24.57
CA LYS B 308 -4.92 4.28 24.97
C LYS B 308 -4.57 3.47 23.74
N THR B 309 -3.68 2.49 23.93
CA THR B 309 -3.43 1.48 22.91
C THR B 309 -3.01 0.18 23.59
N VAL B 310 -3.20 -0.96 22.93
CA VAL B 310 -2.72 -2.22 23.48
C VAL B 310 -1.59 -2.89 22.65
N ILE B 311 -0.48 -3.23 23.32
CA ILE B 311 0.61 -3.94 22.67
C ILE B 311 0.88 -5.37 23.20
N MET B 312 1.54 -6.16 22.38
CA MET B 312 1.96 -7.50 22.76
C MET B 312 3.44 -7.69 22.48
N LYS B 313 4.20 -8.08 23.52
CA LYS B 313 5.58 -8.47 23.35
C LYS B 313 5.59 -9.98 23.09
N GLU B 314 6.28 -10.39 22.03
CA GLU B 314 6.31 -11.79 21.62
C GLU B 314 7.60 -12.47 22.03
N TYR B 315 7.49 -13.63 22.68
CA TYR B 315 8.65 -14.40 23.15
C TYR B 315 8.62 -15.81 22.56
N SER B 316 9.78 -16.35 22.23
CA SER B 316 9.83 -17.69 21.65
C SER B 316 10.40 -18.72 22.64
N ARG B 317 9.82 -19.91 22.62
CA ARG B 317 10.11 -20.92 23.62
C ARG B 317 9.86 -22.32 23.07
N PHE B 318 10.55 -23.32 23.59
CA PHE B 318 10.21 -24.71 23.24
C PHE B 318 8.82 -25.08 23.80
N ALA B 319 8.01 -25.70 22.94
CA ALA B 319 6.60 -25.97 23.25
C ALA B 319 6.45 -27.21 24.12
N GLU B 320 5.93 -27.02 25.32
CA GLU B 320 5.60 -28.13 26.19
C GLU B 320 4.34 -28.81 25.69
N GLU B 321 4.08 -30.01 26.18
CA GLU B 321 2.79 -30.62 25.94
C GLU B 321 1.80 -29.70 26.62
N GLY B 322 0.70 -29.40 25.93
CA GLY B 322 -0.23 -28.43 26.47
C GLY B 322 0.19 -26.97 26.30
N ASP B 323 1.31 -26.73 25.61
CA ASP B 323 1.54 -25.41 25.04
C ASP B 323 0.95 -25.48 23.66
N GLU B 324 0.60 -24.34 23.08
CA GLU B 324 0.07 -24.38 21.72
C GLU B 324 1.24 -24.41 20.75
N PRO B 325 1.36 -25.51 20.01
CA PRO B 325 2.45 -25.69 19.06
C PRO B 325 2.36 -24.68 17.94
N TYR B 326 3.47 -24.04 17.59
CA TYR B 326 3.42 -22.99 16.59
C TYR B 326 4.21 -23.33 15.34
N TYR B 327 5.51 -23.56 15.47
CA TYR B 327 6.31 -23.88 14.31
C TYR B 327 7.14 -25.13 14.54
N PRO B 328 7.12 -26.06 13.57
CA PRO B 328 7.90 -27.30 13.67
C PRO B 328 9.41 -27.04 13.63
N ILE B 329 10.14 -27.74 14.51
CA ILE B 329 11.58 -27.55 14.65
C ILE B 329 12.39 -28.41 13.66
N ASN B 330 11.86 -29.55 13.25
CA ASN B 330 12.55 -30.47 12.33
C ASN B 330 14.03 -30.81 12.59
N THR B 331 14.37 -31.14 13.84
CA THR B 331 15.70 -31.67 14.11
C THR B 331 15.79 -33.06 13.50
N PRO B 332 17.02 -33.61 13.41
CA PRO B 332 17.09 -34.96 12.82
C PRO B 332 16.30 -36.00 13.61
N SER B 333 16.31 -35.90 14.94
CA SER B 333 15.46 -36.76 15.75
C SER B 333 13.99 -36.53 15.40
N ASP B 334 13.61 -35.26 15.25
CA ASP B 334 12.25 -34.89 14.88
C ASP B 334 11.81 -35.58 13.57
N ARG B 335 12.68 -35.54 12.56
CA ARG B 335 12.32 -36.13 11.27
C ARG B 335 12.19 -37.65 11.35
N GLU B 336 13.12 -38.31 12.01
CA GLU B 336 13.10 -39.76 12.10
C GLU B 336 11.85 -40.25 12.81
N MET B 337 11.52 -39.54 13.87
CA MET B 337 10.24 -39.67 14.55
C MET B 337 9.06 -39.45 13.59
N LEU B 338 9.16 -38.41 12.75
CA LEU B 338 8.07 -38.05 11.84
C LEU B 338 7.77 -39.12 10.80
N PHE B 339 8.83 -39.77 10.32
CA PHE B 339 8.70 -40.81 9.30
C PHE B 339 7.88 -42.00 9.81
N LYS B 340 8.06 -42.34 11.07
CA LYS B 340 7.34 -43.47 11.63
C LYS B 340 5.95 -43.05 12.04
N TYR B 341 5.76 -41.78 12.39
CA TYR B 341 4.41 -41.33 12.70
C TYR B 341 3.56 -41.32 11.44
N ARG B 342 4.23 -41.19 10.29
CA ARG B 342 3.57 -41.07 9.01
C ARG B 342 3.02 -42.40 8.55
N GLU B 343 3.83 -43.44 8.66
CA GLU B 343 3.36 -44.78 8.30
C GLU B 343 2.27 -45.23 9.29
N LEU B 344 2.37 -44.81 10.55
CA LEU B 344 1.33 -45.11 11.53
C LEU B 344 0.03 -44.43 11.15
N ALA B 345 0.14 -43.18 10.72
CA ALA B 345 -1.01 -42.39 10.35
C ALA B 345 -1.62 -42.90 9.05
N ASP B 346 -0.78 -43.34 8.12
CA ASP B 346 -1.26 -43.82 6.84
C ASP B 346 -1.92 -45.19 6.96
N ALA B 347 -1.44 -45.99 7.90
CA ALA B 347 -2.08 -47.26 8.16
C ALA B 347 -3.43 -47.01 8.82
N GLU B 348 -3.49 -45.98 9.65
CA GLU B 348 -4.72 -45.60 10.35
C GLU B 348 -5.79 -45.08 9.38
N THR B 349 -5.38 -44.31 8.37
CA THR B 349 -6.33 -43.78 7.39
C THR B 349 -7.00 -44.96 6.68
N GLU B 350 -6.17 -45.94 6.35
CA GLU B 350 -6.55 -46.99 5.42
C GLU B 350 -7.34 -48.12 6.08
N SER B 351 -7.43 -48.08 7.40
CA SER B 351 -8.14 -49.12 8.14
C SER B 351 -9.08 -48.55 9.18
N GLY B 352 -9.02 -47.23 9.37
CA GLY B 352 -9.90 -46.55 10.28
C GLY B 352 -10.65 -45.38 9.63
N LYS B 353 -10.26 -45.04 8.40
CA LYS B 353 -10.80 -43.87 7.68
C LYS B 353 -10.58 -42.57 8.45
N VAL B 354 -9.45 -42.48 9.15
CA VAL B 354 -9.06 -41.23 9.78
C VAL B 354 -8.10 -40.53 8.83
N TYR B 355 -8.33 -39.25 8.57
CA TYR B 355 -7.43 -38.51 7.69
C TYR B 355 -6.62 -37.52 8.49
N PHE B 356 -5.34 -37.39 8.12
CA PHE B 356 -4.45 -36.50 8.85
C PHE B 356 -4.11 -35.25 8.04
N GLY B 357 -4.57 -34.11 8.54
CA GLY B 357 -4.36 -32.84 7.89
C GLY B 357 -4.13 -31.69 8.86
N GLY B 358 -3.70 -30.55 8.30
CA GLY B 358 -3.45 -29.37 9.12
C GLY B 358 -2.03 -29.26 9.60
N ARG B 359 -1.72 -28.14 10.25
CA ARG B 359 -0.42 -27.93 10.86
C ARG B 359 -0.06 -29.07 11.77
N LEU B 360 -0.92 -29.29 12.76
CA LEU B 360 -0.63 -30.23 13.81
C LEU B 360 -0.67 -31.69 13.34
N GLY B 361 -1.49 -31.98 12.34
CA GLY B 361 -1.69 -33.34 11.89
C GLY B 361 -0.64 -33.83 10.94
N THR B 362 0.17 -32.89 10.43
CA THR B 362 1.15 -33.23 9.41
C THR B 362 2.57 -32.81 9.82
N TYR B 363 2.67 -32.12 10.96
CA TYR B 363 3.94 -31.58 11.47
C TYR B 363 4.58 -30.64 10.46
N GLN B 364 3.91 -29.54 10.19
CA GLN B 364 4.26 -28.73 9.04
C GLN B 364 3.65 -27.35 9.15
N TYR B 365 4.46 -26.31 9.01
CA TYR B 365 3.91 -24.96 9.13
C TYR B 365 3.01 -24.68 7.96
N LEU B 366 1.88 -24.05 8.25
CA LEU B 366 0.96 -23.65 7.20
C LEU B 366 0.47 -22.22 7.39
N ASP B 367 0.75 -21.36 6.41
CA ASP B 367 0.05 -20.08 6.30
C ASP B 367 -1.44 -20.33 6.26
N MET B 368 -2.23 -19.33 6.64
CA MET B 368 -3.69 -19.42 6.50
C MET B 368 -4.09 -19.90 5.12
N HIS B 369 -3.54 -19.27 4.10
CA HIS B 369 -3.94 -19.61 2.75
C HIS B 369 -3.32 -20.92 2.26
N MET B 370 -2.26 -21.38 2.91
N MET B 370 -2.23 -21.32 2.91
CA MET B 370 -1.66 -22.64 2.50
CA MET B 370 -1.56 -22.60 2.65
C MET B 370 -2.39 -23.80 3.19
C MET B 370 -2.45 -23.73 3.13
N ALA B 371 -3.10 -23.48 4.27
CA ALA B 371 -3.95 -24.45 4.94
C ALA B 371 -5.21 -24.70 4.15
N ILE B 372 -5.88 -23.60 3.77
CA ILE B 372 -7.09 -23.70 2.94
C ILE B 372 -6.80 -24.42 1.62
N ALA B 373 -5.76 -23.98 0.92
CA ALA B 373 -5.36 -24.65 -0.32
C ALA B 373 -5.18 -26.13 -0.06
N SER B 374 -4.52 -26.46 1.05
CA SER B 374 -4.25 -27.85 1.40
C SER B 374 -5.52 -28.61 1.69
N ALA B 375 -6.36 -28.00 2.50
CA ALA B 375 -7.65 -28.57 2.87
C ALA B 375 -8.50 -28.85 1.63
N LEU B 376 -8.57 -27.89 0.73
CA LEU B 376 -9.34 -28.08 -0.50
C LEU B 376 -8.81 -29.28 -1.28
N SER B 377 -7.50 -29.42 -1.38
CA SER B 377 -7.00 -30.48 -2.24
C SER B 377 -7.17 -31.86 -1.59
N MET B 378 -7.25 -31.89 -0.26
CA MET B 378 -7.62 -33.12 0.43
C MET B 378 -9.09 -33.42 0.18
N PHE B 379 -9.94 -32.40 0.38
CA PHE B 379 -11.37 -32.49 0.10
C PHE B 379 -11.66 -33.03 -1.28
N ASP B 380 -10.88 -32.60 -2.27
CA ASP B 380 -11.06 -33.10 -3.62
C ASP B 380 -10.56 -34.52 -3.69
N ASN B 381 -9.24 -34.64 -3.74
CA ASN B 381 -8.58 -35.90 -4.05
C ASN B 381 -8.92 -37.04 -3.09
N LYS B 382 -9.00 -36.74 -1.80
CA LYS B 382 -9.17 -37.79 -0.83
C LYS B 382 -10.63 -37.94 -0.41
N LEU B 383 -11.23 -36.83 0.02
CA LEU B 383 -12.56 -36.90 0.65
C LEU B 383 -13.68 -37.31 -0.32
N VAL B 384 -14.27 -36.36 -1.04
CA VAL B 384 -15.46 -36.61 -1.89
C VAL B 384 -15.41 -37.94 -2.64
N ASP B 385 -14.20 -38.35 -3.05
CA ASP B 385 -13.96 -39.65 -3.64
C ASP B 385 -14.43 -40.76 -2.69
N ALA B 386 -14.04 -40.67 -1.43
CA ALA B 386 -14.29 -41.75 -0.49
C ALA B 386 -15.32 -41.42 0.60
N LEU B 387 -16.13 -40.39 0.41
CA LEU B 387 -17.33 -40.32 1.23
C LEU B 387 -18.53 -40.04 0.34
N LYS B 388 -18.45 -40.59 -0.88
CA LYS B 388 -19.58 -40.68 -1.80
C LYS B 388 -20.87 -41.00 -1.04
S SO4 C . -9.95 32.69 -3.58
O1 SO4 C . -9.18 33.87 -3.21
O2 SO4 C . -9.44 32.19 -4.85
O3 SO4 C . -9.77 31.67 -2.53
O4 SO4 C . -11.37 33.01 -3.69
C10 40K D . -0.02 23.38 -4.85
C13 40K D . -0.93 26.87 -5.66
C20 40K D . 4.24 23.95 -7.11
C21 40K D . 5.17 24.67 -7.83
C22 40K D . 6.13 23.97 -8.55
C24 40K D . 6.15 22.58 -8.56
O01 40K D . 3.68 17.97 -7.24
C02 40K D . 2.65 18.54 -7.71
O03 40K D . 2.00 18.04 -8.67
C04 40K D . 2.19 19.83 -7.11
C05 40K D . 3.06 20.45 -6.01
S06 40K D . 2.21 20.25 -4.55
C07 40K D . 0.94 21.44 -4.44
N08 40K D . -0.27 21.47 -3.80
N09 40K D . -0.87 22.69 -4.06
C11 40K D . -0.13 24.66 -5.40
C12 40K D . -1.00 25.66 -4.97
C14 40K D . 0.00 26.89 -6.70
S15 40K D . 0.75 25.35 -6.72
N16 40K D . 1.08 22.62 -5.08
N17 40K D . 2.23 22.91 -5.84
C18 40K D . 3.20 21.93 -6.30
C19 40K D . 4.27 22.56 -7.10
CL23 40K D . 7.29 24.85 -9.46
C25 40K D . 5.22 21.85 -7.82
PA FDA E . -5.84 21.09 -18.48
O1A FDA E . -4.82 19.97 -18.72
O2A FDA E . -5.15 22.36 -18.01
O5B FDA E . -6.72 21.34 -19.77
C5B FDA E . -6.47 22.49 -20.55
C4B FDA E . -6.68 22.16 -21.96
O4B FDA E . -7.31 23.28 -22.64
C3B FDA E . -5.38 21.95 -22.57
O3B FDA E . -5.39 20.70 -23.25
C2B FDA E . -5.18 23.03 -23.49
O2B FDA E . -4.47 22.63 -24.65
C1B FDA E . -6.52 23.45 -23.84
N9A FDA E . -6.55 24.77 -24.32
C8A FDA E . -6.01 25.88 -23.75
N7A FDA E . -6.28 26.94 -24.52
C5A FDA E . -7.00 26.54 -25.60
C6A FDA E . -7.54 27.16 -26.71
N6A FDA E . -7.39 28.57 -26.88
N1A FDA E . -8.20 26.45 -27.62
C2A FDA E . -8.38 25.13 -27.50
N3A FDA E . -7.84 24.47 -26.42
C4A FDA E . -7.18 25.13 -25.49
N1 FDA E . -3.46 16.09 -10.97
C2 FDA E . -3.57 14.93 -10.06
O2 FDA E . -4.66 14.58 -9.64
N3 FDA E . -2.37 14.18 -9.69
C4 FDA E . -1.13 14.54 -10.17
O4 FDA E . -0.15 13.87 -9.82
C4X FDA E . -1.00 15.70 -11.07
N5 FDA E . 0.21 16.10 -11.55
C5X FDA E . 0.30 17.27 -12.44
C6 FDA E . 1.55 17.68 -12.93
C7 FDA E . 1.60 18.80 -13.79
C7M FDA E . 2.91 19.27 -14.32
C8 FDA E . 0.45 19.48 -14.12
C8M FDA E . 0.50 20.66 -15.02
C9 FDA E . -0.80 19.09 -13.63
C9A FDA E . -0.87 17.98 -12.79
N10 FDA E . -2.13 17.56 -12.28
C10 FDA E . -2.25 16.47 -11.44
C1' FDA E . -3.35 18.30 -12.67
C2' FDA E . -4.03 17.63 -13.87
O2' FDA E . -3.34 17.85 -15.03
C3' FDA E . -5.48 18.02 -14.06
O3' FDA E . -6.09 17.18 -14.95
C4' FDA E . -5.72 19.43 -14.57
O4' FDA E . -5.13 20.39 -13.76
C5' FDA E . -7.18 19.64 -14.64
O5' FDA E . -7.61 20.91 -15.08
P FDA E . -7.98 21.06 -16.59
O1P FDA E . -9.11 20.13 -16.96
O2P FDA E . -8.30 22.51 -16.88
O3P FDA E . -6.72 20.47 -17.34
S SO4 F . 3.60 29.49 18.75
O1 SO4 F . 3.59 30.84 19.32
O2 SO4 F . 4.73 29.39 17.82
O3 SO4 F . 3.72 28.47 19.81
O4 SO4 F . 2.35 29.25 18.03
S SO4 G . -1.40 16.12 15.22
O1 SO4 G . -1.26 17.35 16.00
O2 SO4 G . -0.58 16.23 14.01
O3 SO4 G . -0.92 14.98 16.01
O4 SO4 G . -2.80 15.90 14.86
S SO4 H . -2.17 -4.06 -9.63
O1 SO4 H . -1.11 -3.09 -9.98
O2 SO4 H . -3.46 -3.71 -10.22
O3 SO4 H . -1.79 -5.38 -10.16
O4 SO4 H . -2.30 -4.08 -8.17
S SO4 I . 13.88 -7.45 -23.40
O1 SO4 I . 13.51 -7.05 -24.76
O2 SO4 I . 14.59 -6.35 -22.73
O3 SO4 I . 14.76 -8.63 -23.46
O4 SO4 I . 12.68 -7.78 -22.65
S SO4 J . 9.05 -34.45 3.32
O1 SO4 J . 8.68 -33.44 4.33
O2 SO4 J . 9.03 -33.84 1.99
O3 SO4 J . 10.39 -35.00 3.56
O4 SO4 J . 8.08 -35.53 3.34
C10 40K K . 8.29 -20.59 8.34
C13 40K K . 9.13 -24.13 8.93
C20 40K K . 9.58 -19.27 12.99
C21 40K K . 9.92 -19.45 14.32
C22 40K K . 9.46 -18.52 15.26
C24 40K K . 8.69 -17.43 14.88
O01 40K K . 5.62 -14.85 10.78
C02 40K K . 5.23 -16.04 10.80
O03 40K K . 3.99 -16.32 10.89
C04 40K K . 6.23 -17.16 10.70
C05 40K K . 7.75 -16.89 10.58
S06 40K K . 8.15 -16.78 8.93
C07 40K K . 8.11 -18.39 8.27
N08 40K K . 7.80 -18.89 7.04
N09 40K K . 7.92 -20.27 7.08
C11 40K K . 8.56 -21.85 8.90
C12 40K K . 8.87 -23.00 8.18
C14 40K K . 9.05 -23.98 10.30
S15 40K K . 8.63 -22.33 10.57
N16 40K K . 8.42 -19.44 9.06
N17 40K K . 8.76 -19.28 10.43
C18 40K K . 8.46 -18.07 11.19
C19 40K K . 8.83 -18.17 12.62
CL23 40K K . 9.86 -18.73 16.94
C25 40K K . 8.36 -17.25 13.54
PA FDA L . -5.00 -25.10 13.64
O1A FDA L . -5.50 -23.66 13.43
O2A FDA L . -4.21 -25.10 14.96
O5B FDA L . -6.24 -26.12 13.74
C5B FDA L . -6.28 -27.13 14.74
C4B FDA L . -7.01 -26.70 15.94
O4B FDA L . -7.82 -27.81 16.42
C3B FDA L . -6.10 -26.34 17.03
O3B FDA L . -5.73 -24.95 17.07
C2B FDA L . -6.72 -26.79 18.25
O2B FDA L . -7.32 -25.71 18.98
C1B FDA L . -7.73 -27.77 17.90
N9A FDA L . -7.42 -29.03 18.47
C8A FDA L . -6.18 -29.55 18.73
N7A FDA L . -6.29 -30.76 19.29
C5A FDA L . -7.60 -31.07 19.43
C6A FDA L . -8.31 -32.16 19.94
N6A FDA L . -7.58 -33.29 20.49
N1A FDA L . -9.63 -32.16 19.94
C2A FDA L . -10.34 -31.13 19.45
N3A FDA L . -9.70 -30.03 18.94
C4A FDA L . -8.36 -29.97 18.92
N1 FDA L . -1.06 -17.78 9.09
C2 FDA L . -1.03 -16.63 8.16
O2 FDA L . -1.46 -16.78 7.01
N3 FDA L . -0.51 -15.35 8.60
C4 FDA L . -0.04 -15.17 9.88
O4 FDA L . 0.41 -14.08 10.27
C4X FDA L . -0.06 -16.31 10.81
N5 FDA L . 0.40 -16.13 12.05
C5X FDA L . 0.39 -17.27 12.98
C6 FDA L . 0.86 -17.08 14.28
C7 FDA L . 0.84 -18.16 15.17
C7M FDA L . 1.37 -17.95 16.55
C8 FDA L . 0.35 -19.39 14.76
C8M FDA L . 0.30 -20.56 15.66
C9 FDA L . -0.14 -19.58 13.46
C9A FDA L . -0.12 -18.52 12.58
N10 FDA L . -0.61 -18.69 11.25
C10 FDA L . -0.61 -17.63 10.34
C1' FDA L . -1.15 -20.02 10.84
C2' FDA L . -2.67 -20.14 11.00
O2' FDA L . -3.05 -19.60 12.19
C3' FDA L . -3.15 -21.57 10.95
O3' FDA L . -2.42 -22.31 10.07
C4' FDA L . -4.60 -21.65 10.51
O4' FDA L . -5.48 -21.25 11.50
C5' FDA L . -4.97 -23.02 10.03
O5' FDA L . -4.06 -24.06 10.34
P FDA L . -4.62 -25.40 10.97
O1P FDA L . -6.12 -25.32 11.02
O2P FDA L . -4.22 -26.58 10.13
O3P FDA L . -4.08 -25.51 12.44
S SO4 M . 29.36 -17.88 -4.67
O1 SO4 M . 30.82 -17.71 -4.58
O2 SO4 M . 28.82 -16.93 -5.65
O3 SO4 M . 29.02 -19.24 -5.12
O4 SO4 M . 28.81 -17.62 -3.36
S SO4 N . 18.04 -10.27 -8.08
O1 SO4 N . 19.34 -9.60 -8.10
O2 SO4 N . 17.12 -9.61 -9.02
O3 SO4 N . 18.21 -11.68 -8.43
O4 SO4 N . 17.49 -10.15 -6.72
S SO4 O . -8.68 -21.76 24.91
O1 SO4 O . -9.03 -20.57 25.68
O2 SO4 O . -8.20 -21.33 23.59
O3 SO4 O . -7.63 -22.50 25.60
O4 SO4 O . -9.87 -22.59 24.76
S SO4 P . 15.16 -36.00 5.70
O1 SO4 P . 15.12 -35.31 6.98
O2 SO4 P . 15.90 -35.16 4.76
O3 SO4 P . 15.86 -37.27 5.86
O4 SO4 P . 13.79 -36.22 5.20
S SO4 Q . 8.14 -13.60 30.07
O1 SO4 Q . 7.90 -12.15 30.22
O2 SO4 Q . 9.57 -13.83 29.82
O3 SO4 Q . 7.36 -14.15 28.94
O4 SO4 Q . 7.74 -14.26 31.32
#